data_1QFQ
#
_entry.id   1QFQ
#
_cell.length_a   1.000
_cell.length_b   1.000
_cell.length_c   1.000
_cell.angle_alpha   90.00
_cell.angle_beta   90.00
_cell.angle_gamma   90.00
#
_symmetry.space_group_name_H-M   'P 1'
#
loop_
_entity.id
_entity.type
_entity.pdbx_description
1 polymer '15-mer nutRboxB RNA hairpin'
2 polymer '36-mer N-terminal peptide of the N protein'
#
loop_
_entity_poly.entity_id
_entity_poly.type
_entity_poly.pdbx_seq_one_letter_code
_entity_poly.pdbx_strand_id
1 'polyribonucleotide' GCCCUGAAAAAGGGC A
2 'polypeptide(L)' DAQTRRRERRAEKQAQWKAANPLLVGVSAKPVNRP B
#
# COMPACT_ATOMS: atom_id res chain seq x y z
N ASP B 1 2.21 -17.55 -8.55
CA ASP B 1 0.89 -17.34 -9.23
C ASP B 1 0.97 -16.15 -10.18
N ALA B 2 -0.15 -15.61 -10.53
CA ALA B 2 -0.16 -14.43 -11.45
C ALA B 2 -0.69 -13.20 -10.74
N GLN B 3 -1.51 -13.39 -9.74
CA GLN B 3 -2.04 -12.21 -8.98
C GLN B 3 -0.93 -11.59 -8.16
N THR B 4 -0.33 -12.36 -7.30
CA THR B 4 0.79 -11.81 -6.49
C THR B 4 1.73 -11.08 -7.43
N ARG B 5 1.87 -11.59 -8.62
CA ARG B 5 2.73 -10.92 -9.63
C ARG B 5 2.01 -9.68 -10.10
N ARG B 6 0.74 -9.82 -10.38
CA ARG B 6 -0.05 -8.67 -10.86
C ARG B 6 0.03 -7.55 -9.82
N ARG B 7 0.12 -7.91 -8.57
CA ARG B 7 0.23 -6.88 -7.49
C ARG B 7 1.40 -5.97 -7.79
N GLU B 8 2.47 -6.52 -8.26
CA GLU B 8 3.63 -5.66 -8.62
C GLU B 8 3.15 -4.74 -9.74
N ARG B 9 2.25 -5.22 -10.55
CA ARG B 9 1.68 -4.37 -11.62
C ARG B 9 0.68 -3.41 -10.98
N ARG B 10 0.28 -3.69 -9.76
CA ARG B 10 -0.67 -2.77 -9.07
C ARG B 10 0.11 -1.68 -8.33
N ALA B 11 1.42 -1.72 -8.36
CA ALA B 11 2.19 -0.65 -7.65
C ALA B 11 1.68 0.71 -8.12
N GLU B 12 1.15 0.75 -9.32
CA GLU B 12 0.59 2.02 -9.84
C GLU B 12 -0.77 2.24 -9.18
N LYS B 13 -1.49 1.18 -8.90
CA LYS B 13 -2.80 1.32 -8.21
C LYS B 13 -2.52 1.52 -6.73
N GLN B 14 -1.48 0.89 -6.27
CA GLN B 14 -1.08 1.00 -4.84
C GLN B 14 -0.47 2.37 -4.59
N ALA B 15 0.46 2.77 -5.42
CA ALA B 15 1.08 4.11 -5.24
C ALA B 15 0.05 5.20 -5.50
N GLN B 16 -0.94 4.92 -6.30
CA GLN B 16 -1.99 5.94 -6.56
C GLN B 16 -2.95 5.92 -5.37
N TRP B 17 -3.18 4.76 -4.85
CA TRP B 17 -4.06 4.64 -3.65
C TRP B 17 -3.28 5.11 -2.43
N LYS B 18 -2.09 4.62 -2.29
CA LYS B 18 -1.24 5.00 -1.13
C LYS B 18 -1.05 6.51 -1.15
N ALA B 19 -0.97 7.07 -2.32
CA ALA B 19 -0.80 8.54 -2.42
C ALA B 19 -2.01 9.22 -1.81
N ALA B 20 -3.15 8.59 -1.88
CA ALA B 20 -4.38 9.21 -1.31
C ALA B 20 -4.96 8.32 -0.20
N ASN B 21 -4.11 7.60 0.44
CA ASN B 21 -4.56 6.73 1.57
C ASN B 21 -3.43 6.49 2.57
N PRO B 22 -2.80 7.56 2.98
CA PRO B 22 -1.73 7.47 3.98
C PRO B 22 -2.38 7.14 5.31
N LEU B 23 -3.63 7.51 5.44
CA LEU B 23 -4.39 7.21 6.68
C LEU B 23 -4.41 5.68 6.88
N LEU B 24 -4.46 4.96 5.80
CA LEU B 24 -4.42 3.49 5.88
C LEU B 24 -3.02 3.05 5.50
N VAL B 25 -2.08 3.85 5.91
CA VAL B 25 -0.67 3.58 5.57
C VAL B 25 0.24 4.07 6.70
N GLY B 26 0.84 3.15 7.41
CA GLY B 26 1.75 3.52 8.55
C GLY B 26 1.14 4.67 9.36
N VAL B 27 0.49 4.37 10.46
CA VAL B 27 -0.12 5.45 11.30
C VAL B 27 0.89 6.59 11.49
N SER B 28 0.41 7.80 11.60
CA SER B 28 1.33 8.97 11.77
C SER B 28 2.28 9.06 10.58
N ALA B 29 1.76 8.93 9.40
CA ALA B 29 2.61 9.01 8.17
C ALA B 29 1.87 9.80 7.09
N LYS B 30 1.40 10.97 7.43
CA LYS B 30 0.66 11.80 6.43
C LYS B 30 1.42 13.11 6.18
N PRO B 31 1.75 13.35 4.94
CA PRO B 31 2.49 14.59 4.59
C PRO B 31 1.57 15.82 4.66
N VAL B 32 2.13 16.99 4.66
CA VAL B 32 1.29 18.23 4.73
C VAL B 32 1.82 19.28 3.76
N ASN B 33 1.29 20.48 3.82
CA ASN B 33 1.77 21.56 2.91
C ASN B 33 1.76 22.90 3.63
N ARG B 34 2.54 23.05 4.67
CA ARG B 34 2.57 24.33 5.41
C ARG B 34 3.93 24.52 6.10
N PRO B 35 4.94 24.76 5.30
CA PRO B 35 6.31 24.95 5.84
C PRO B 35 6.41 26.31 6.55
N ASP B 1 2.19 -16.50 -7.77
CA ASP B 1 1.19 -16.84 -8.82
C ASP B 1 1.00 -15.67 -9.78
N ALA B 2 -0.07 -15.66 -10.50
CA ALA B 2 -0.33 -14.55 -11.46
C ALA B 2 -0.83 -13.31 -10.73
N GLN B 3 -1.60 -13.49 -9.69
CA GLN B 3 -2.10 -12.32 -8.94
C GLN B 3 -0.95 -11.67 -8.20
N THR B 4 -0.23 -12.43 -7.42
CA THR B 4 0.94 -11.84 -6.70
C THR B 4 1.79 -11.08 -7.73
N ARG B 5 1.85 -11.61 -8.92
CA ARG B 5 2.59 -10.93 -10.01
C ARG B 5 1.82 -9.70 -10.42
N ARG B 6 0.53 -9.87 -10.59
CA ARG B 6 -0.31 -8.74 -11.01
C ARG B 6 -0.17 -7.60 -10.00
N ARG B 7 0.02 -7.93 -8.75
CA ARG B 7 0.20 -6.88 -7.70
C ARG B 7 1.34 -5.97 -8.10
N GLU B 8 2.39 -6.53 -8.62
CA GLU B 8 3.50 -5.67 -9.08
C GLU B 8 2.96 -4.77 -10.18
N ARG B 9 2.01 -5.26 -10.91
CA ARG B 9 1.37 -4.44 -11.96
C ARG B 9 0.41 -3.47 -11.28
N ARG B 10 0.08 -3.73 -10.03
CA ARG B 10 -0.84 -2.81 -9.32
C ARG B 10 -0.03 -1.74 -8.58
N ALA B 11 1.28 -1.77 -8.67
CA ALA B 11 2.08 -0.72 -7.98
C ALA B 11 1.55 0.65 -8.41
N GLU B 12 0.98 0.71 -9.59
CA GLU B 12 0.40 1.99 -10.06
C GLU B 12 -0.93 2.21 -9.35
N LYS B 13 -1.64 1.14 -9.06
CA LYS B 13 -2.92 1.28 -8.32
C LYS B 13 -2.59 1.46 -6.85
N GLN B 14 -1.55 0.80 -6.42
CA GLN B 14 -1.10 0.90 -5.02
C GLN B 14 -0.46 2.26 -4.78
N ALA B 15 0.43 2.66 -5.64
CA ALA B 15 1.08 3.98 -5.47
C ALA B 15 0.03 5.09 -5.67
N GLN B 16 -0.97 4.82 -6.45
CA GLN B 16 -2.04 5.85 -6.65
C GLN B 16 -2.93 5.83 -5.42
N TRP B 17 -3.17 4.66 -4.91
CA TRP B 17 -4.00 4.55 -3.68
C TRP B 17 -3.18 4.99 -2.48
N LYS B 18 -1.98 4.49 -2.41
CA LYS B 18 -1.07 4.83 -1.28
C LYS B 18 -0.86 6.33 -1.29
N ALA B 19 -0.81 6.90 -2.46
CA ALA B 19 -0.61 8.37 -2.55
C ALA B 19 -1.75 9.08 -1.84
N ALA B 20 -2.91 8.47 -1.80
CA ALA B 20 -4.07 9.10 -1.12
C ALA B 20 -4.59 8.19 -0.02
N ASN B 21 -3.73 7.37 0.52
CA ASN B 21 -4.15 6.46 1.62
C ASN B 21 -2.93 6.05 2.47
N PRO B 22 -2.18 7.04 2.89
CA PRO B 22 -1.01 6.78 3.74
C PRO B 22 -1.53 6.40 5.12
N LEU B 23 -2.70 6.89 5.45
CA LEU B 23 -3.31 6.55 6.76
C LEU B 23 -3.41 5.03 6.86
N LEU B 24 -3.66 4.39 5.76
CA LEU B 24 -3.72 2.91 5.73
C LEU B 24 -2.38 2.42 5.20
N VAL B 25 -1.36 3.15 5.53
CA VAL B 25 0.00 2.83 5.07
C VAL B 25 1.02 3.38 6.06
N GLY B 26 1.71 2.51 6.74
CA GLY B 26 2.71 2.98 7.75
C GLY B 26 1.96 3.70 8.88
N VAL B 27 1.40 4.83 8.60
CA VAL B 27 0.66 5.59 9.65
C VAL B 27 -0.53 4.76 10.15
N SER B 28 -0.92 4.94 11.38
CA SER B 28 -2.07 4.17 11.94
C SER B 28 -1.89 2.67 11.68
N ALA B 29 -2.89 1.88 11.98
CA ALA B 29 -2.78 0.40 11.76
C ALA B 29 -1.51 -0.15 12.42
N LYS B 30 -1.34 0.09 13.69
CA LYS B 30 -0.12 -0.43 14.40
C LYS B 30 -0.53 -1.10 15.71
N PRO B 31 -1.12 -2.27 15.58
CA PRO B 31 -1.55 -3.03 16.78
C PRO B 31 -0.38 -3.75 17.43
N VAL B 32 0.50 -3.02 18.08
CA VAL B 32 1.67 -3.67 18.73
C VAL B 32 1.96 -3.01 20.08
N ASN B 33 2.33 -3.79 21.07
CA ASN B 33 2.63 -3.19 22.40
C ASN B 33 3.81 -2.22 22.28
N ARG B 34 3.70 -1.07 22.90
CA ARG B 34 4.80 -0.07 22.82
C ARG B 34 5.61 -0.06 24.12
N PRO B 35 6.73 -0.74 24.11
CA PRO B 35 7.59 -0.81 25.30
C PRO B 35 8.28 0.53 25.54
N ASP B 1 2.44 -17.90 -10.34
CA ASP B 1 1.25 -17.12 -9.92
C ASP B 1 0.86 -16.11 -11.00
N ALA B 2 0.13 -15.11 -10.61
CA ALA B 2 -0.30 -14.07 -11.60
C ALA B 2 -0.82 -12.84 -10.87
N GLN B 3 -1.57 -13.02 -9.83
CA GLN B 3 -2.10 -11.86 -9.08
C GLN B 3 -0.95 -11.19 -8.36
N THR B 4 -0.22 -11.93 -7.57
CA THR B 4 0.96 -11.33 -6.88
C THR B 4 1.79 -10.60 -7.94
N ARG B 5 1.77 -11.13 -9.13
CA ARG B 5 2.48 -10.48 -10.26
C ARG B 5 1.72 -9.24 -10.65
N ARG B 6 0.43 -9.38 -10.81
CA ARG B 6 -0.39 -8.22 -11.21
C ARG B 6 -0.21 -7.11 -10.19
N ARG B 7 -0.04 -7.47 -8.94
CA ARG B 7 0.15 -6.46 -7.88
C ARG B 7 1.31 -5.56 -8.25
N GLU B 8 2.34 -6.13 -8.83
CA GLU B 8 3.47 -5.28 -9.27
C GLU B 8 2.93 -4.32 -10.31
N ARG B 9 1.97 -4.78 -11.07
CA ARG B 9 1.34 -3.89 -12.07
C ARG B 9 0.38 -2.96 -11.34
N ARG B 10 0.08 -3.27 -10.10
CA ARG B 10 -0.81 -2.38 -9.33
C ARG B 10 0.02 -1.42 -8.48
N ALA B 11 1.32 -1.46 -8.59
CA ALA B 11 2.15 -0.50 -7.80
C ALA B 11 1.66 0.91 -8.10
N GLU B 12 1.12 1.10 -9.27
CA GLU B 12 0.58 2.43 -9.64
C GLU B 12 -0.76 2.62 -8.92
N LYS B 13 -1.48 1.56 -8.72
CA LYS B 13 -2.77 1.67 -7.98
C LYS B 13 -2.43 1.71 -6.48
N GLN B 14 -1.42 0.99 -6.12
CA GLN B 14 -0.94 0.95 -4.72
C GLN B 14 -0.29 2.26 -4.35
N ALA B 15 0.62 2.73 -5.16
CA ALA B 15 1.30 4.01 -4.86
C ALA B 15 0.29 5.16 -4.98
N GLN B 16 -0.73 4.99 -5.78
CA GLN B 16 -1.74 6.07 -5.90
C GLN B 16 -2.66 5.96 -4.70
N TRP B 17 -2.90 4.75 -4.27
CA TRP B 17 -3.76 4.52 -3.10
C TRP B 17 -2.96 4.84 -1.84
N LYS B 18 -1.77 4.31 -1.78
CA LYS B 18 -0.88 4.52 -0.61
C LYS B 18 -0.64 6.02 -0.46
N ALA B 19 -0.56 6.71 -1.55
CA ALA B 19 -0.34 8.16 -1.48
C ALA B 19 -1.51 8.83 -0.76
N ALA B 20 -2.69 8.25 -0.88
CA ALA B 20 -3.87 8.85 -0.21
C ALA B 20 -4.47 7.87 0.79
N ASN B 21 -3.65 7.02 1.32
CA ASN B 21 -4.14 6.04 2.33
C ASN B 21 -3.00 5.59 3.25
N PRO B 22 -2.31 6.56 3.80
CA PRO B 22 -1.21 6.27 4.74
C PRO B 22 -1.85 5.74 6.02
N LEU B 23 -3.04 6.18 6.29
CA LEU B 23 -3.78 5.71 7.50
C LEU B 23 -3.89 4.18 7.46
N LEU B 24 -4.02 3.65 6.29
CA LEU B 24 -4.10 2.17 6.12
C LEU B 24 -2.73 1.71 5.67
N VAL B 25 -1.73 2.38 6.13
CA VAL B 25 -0.34 2.06 5.74
C VAL B 25 0.56 2.11 6.97
N GLY B 26 1.16 1.02 7.32
CA GLY B 26 2.06 0.99 8.51
C GLY B 26 1.27 1.46 9.73
N VAL B 27 1.56 2.64 10.22
CA VAL B 27 0.83 3.17 11.41
C VAL B 27 1.27 4.61 11.68
N SER B 28 0.54 5.32 12.50
CA SER B 28 0.92 6.74 12.81
C SER B 28 1.14 7.49 11.51
N ALA B 29 0.37 7.17 10.51
CA ALA B 29 0.50 7.85 9.19
C ALA B 29 -0.82 8.53 8.85
N LYS B 30 -1.37 9.26 9.77
CA LYS B 30 -2.67 9.95 9.53
C LYS B 30 -2.54 11.44 9.83
N PRO B 31 -3.27 12.23 9.09
CA PRO B 31 -3.22 13.71 9.30
C PRO B 31 -4.02 14.07 10.56
N VAL B 32 -3.92 15.29 11.01
CA VAL B 32 -4.68 15.71 12.22
C VAL B 32 -5.15 17.16 12.08
N ASN B 33 -6.23 17.51 12.74
CA ASN B 33 -6.74 18.90 12.64
C ASN B 33 -6.61 19.61 14.00
N ARG B 34 -5.44 19.62 14.56
CA ARG B 34 -5.25 20.29 15.88
C ARG B 34 -5.29 21.82 15.72
N PRO B 35 -4.46 22.33 14.86
CA PRO B 35 -4.42 23.80 14.63
C PRO B 35 -5.63 24.24 13.79
N ASP B 1 3.47 -17.64 -9.37
CA ASP B 1 2.06 -17.21 -9.10
C ASP B 1 1.62 -16.20 -10.16
N ALA B 2 0.59 -15.47 -9.87
CA ALA B 2 0.08 -14.47 -10.85
C ALA B 2 -0.52 -13.27 -10.13
N GLN B 3 -1.23 -13.50 -9.06
CA GLN B 3 -1.84 -12.36 -8.30
C GLN B 3 -0.73 -11.57 -7.63
N THR B 4 0.07 -12.21 -6.82
CA THR B 4 1.20 -11.49 -6.18
C THR B 4 1.99 -10.80 -7.28
N ARG B 5 1.99 -11.39 -8.45
CA ARG B 5 2.70 -10.77 -9.60
C ARG B 5 1.90 -9.58 -10.08
N ARG B 6 0.61 -9.75 -10.21
CA ARG B 6 -0.21 -8.62 -10.70
C ARG B 6 -0.07 -7.45 -9.74
N ARG B 7 0.09 -7.73 -8.46
CA ARG B 7 0.26 -6.64 -7.46
C ARG B 7 1.42 -5.76 -7.89
N GLU B 8 2.47 -6.35 -8.38
CA GLU B 8 3.60 -5.52 -8.85
C GLU B 8 3.08 -4.64 -9.98
N ARG B 9 2.14 -5.17 -10.72
CA ARG B 9 1.52 -4.37 -11.81
C ARG B 9 0.55 -3.38 -11.18
N ARG B 10 0.20 -3.60 -9.93
CA ARG B 10 -0.72 -2.66 -9.26
C ARG B 10 0.06 -1.61 -8.49
N ALA B 11 1.37 -1.63 -8.57
CA ALA B 11 2.15 -0.58 -7.84
C ALA B 11 1.64 0.79 -8.29
N GLU B 12 1.11 0.85 -9.49
CA GLU B 12 0.54 2.13 -9.98
C GLU B 12 -0.80 2.35 -9.29
N LYS B 13 -1.52 1.29 -9.02
CA LYS B 13 -2.82 1.44 -8.30
C LYS B 13 -2.51 1.64 -6.83
N GLN B 14 -1.49 0.97 -6.37
CA GLN B 14 -1.05 1.07 -4.96
C GLN B 14 -0.41 2.44 -4.72
N ALA B 15 0.51 2.82 -5.56
CA ALA B 15 1.16 4.16 -5.37
C ALA B 15 0.13 5.25 -5.58
N GLN B 16 -0.88 5.01 -6.36
CA GLN B 16 -1.93 6.06 -6.56
C GLN B 16 -2.84 6.04 -5.35
N TRP B 17 -3.08 4.87 -4.83
CA TRP B 17 -3.92 4.74 -3.63
C TRP B 17 -3.11 5.16 -2.41
N LYS B 18 -1.92 4.64 -2.32
CA LYS B 18 -1.03 4.98 -1.19
C LYS B 18 -0.81 6.48 -1.17
N ALA B 19 -0.75 7.07 -2.33
CA ALA B 19 -0.56 8.54 -2.40
C ALA B 19 -1.75 9.23 -1.74
N ALA B 20 -2.90 8.62 -1.78
CA ALA B 20 -4.10 9.24 -1.16
C ALA B 20 -4.63 8.35 -0.03
N ASN B 21 -3.77 7.59 0.55
CA ASN B 21 -4.20 6.70 1.68
C ASN B 21 -3.01 6.40 2.60
N PRO B 22 -2.33 7.43 3.01
CA PRO B 22 -1.20 7.29 3.93
C PRO B 22 -1.76 6.87 5.29
N LEU B 23 -2.97 7.28 5.54
CA LEU B 23 -3.64 6.90 6.82
C LEU B 23 -3.65 5.38 6.93
N LEU B 24 -3.81 4.73 5.81
CA LEU B 24 -3.79 3.25 5.77
C LEU B 24 -2.41 2.84 5.29
N VAL B 25 -1.44 3.62 5.66
CA VAL B 25 -0.05 3.37 5.23
C VAL B 25 0.90 3.91 6.30
N GLY B 26 1.65 3.06 6.93
CA GLY B 26 2.58 3.53 8.00
C GLY B 26 1.77 3.91 9.25
N VAL B 27 0.79 4.77 9.09
CA VAL B 27 -0.07 5.18 10.25
C VAL B 27 -0.57 3.94 10.99
N SER B 28 -1.21 4.13 12.12
CA SER B 28 -1.73 2.97 12.89
C SER B 28 -2.64 2.10 12.02
N ALA B 29 -2.06 1.27 11.20
CA ALA B 29 -2.85 0.38 10.31
C ALA B 29 -1.90 -0.54 9.56
N LYS B 30 -0.92 -1.04 10.25
CA LYS B 30 0.09 -1.95 9.61
C LYS B 30 0.35 -3.15 10.52
N PRO B 31 -0.39 -4.20 10.30
CA PRO B 31 -0.23 -5.44 11.11
C PRO B 31 1.06 -6.17 10.72
N VAL B 32 1.72 -6.76 11.69
CA VAL B 32 2.98 -7.51 11.38
C VAL B 32 2.94 -8.89 12.01
N ASN B 33 1.76 -9.40 12.29
CA ASN B 33 1.65 -10.76 12.91
C ASN B 33 2.54 -10.83 14.16
N ARG B 34 2.42 -9.88 15.03
CA ARG B 34 3.26 -9.88 16.26
C ARG B 34 2.54 -9.14 17.40
N PRO B 35 1.34 -9.57 17.69
CA PRO B 35 0.54 -8.93 18.76
C PRO B 35 1.09 -9.32 20.13
N ASP B 1 2.73 -17.82 -9.79
CA ASP B 1 1.47 -17.13 -9.38
C ASP B 1 1.01 -16.16 -10.47
N ALA B 2 0.18 -15.24 -10.12
CA ALA B 2 -0.31 -14.25 -11.13
C ALA B 2 -0.90 -13.02 -10.42
N GLN B 3 -1.61 -13.24 -9.35
CA GLN B 3 -2.20 -12.08 -8.62
C GLN B 3 -1.08 -11.29 -7.96
N THR B 4 -0.28 -11.94 -7.16
CA THR B 4 0.86 -11.22 -6.53
C THR B 4 1.65 -10.53 -7.65
N ARG B 5 1.64 -11.13 -8.81
CA ARG B 5 2.33 -10.54 -9.97
C ARG B 5 1.54 -9.35 -10.47
N ARG B 6 0.24 -9.52 -10.61
CA ARG B 6 -0.57 -8.39 -11.12
C ARG B 6 -0.44 -7.23 -10.13
N ARG B 7 -0.28 -7.53 -8.88
CA ARG B 7 -0.13 -6.45 -7.86
C ARG B 7 1.00 -5.54 -8.28
N GLU B 8 2.05 -6.10 -8.80
CA GLU B 8 3.16 -5.23 -9.27
C GLU B 8 2.60 -4.34 -10.36
N ARG B 9 1.67 -4.87 -11.12
CA ARG B 9 1.01 -4.05 -12.17
C ARG B 9 0.05 -3.09 -11.47
N ARG B 10 -0.26 -3.35 -10.22
CA ARG B 10 -1.16 -2.43 -9.49
C ARG B 10 -0.33 -1.44 -8.68
N ALA B 11 0.97 -1.45 -8.84
CA ALA B 11 1.80 -0.48 -8.08
C ALA B 11 1.28 0.93 -8.41
N GLU B 12 0.67 1.08 -9.55
CA GLU B 12 0.10 2.40 -9.91
C GLU B 12 -1.19 2.58 -9.13
N LYS B 13 -1.91 1.51 -8.88
CA LYS B 13 -3.15 1.61 -8.08
C LYS B 13 -2.73 1.71 -6.61
N GLN B 14 -1.71 0.97 -6.27
CA GLN B 14 -1.18 0.98 -4.88
C GLN B 14 -0.50 2.31 -4.61
N ALA B 15 0.37 2.74 -5.48
CA ALA B 15 1.07 4.04 -5.26
C ALA B 15 0.06 5.18 -5.28
N GLN B 16 -1.03 5.00 -5.99
CA GLN B 16 -2.07 6.07 -6.02
C GLN B 16 -2.88 5.98 -4.73
N TRP B 17 -3.09 4.78 -4.27
CA TRP B 17 -3.84 4.58 -3.01
C TRP B 17 -2.90 4.88 -1.85
N LYS B 18 -1.72 4.34 -1.91
CA LYS B 18 -0.72 4.55 -0.84
C LYS B 18 -0.43 6.04 -0.74
N ALA B 19 -0.45 6.71 -1.86
CA ALA B 19 -0.20 8.17 -1.84
C ALA B 19 -1.24 8.85 -0.96
N ALA B 20 -2.42 8.29 -0.89
CA ALA B 20 -3.49 8.89 -0.05
C ALA B 20 -3.96 7.90 1.01
N ASN B 21 -3.09 7.00 1.38
CA ASN B 21 -3.44 6.00 2.43
C ASN B 21 -2.19 5.47 3.12
N PRO B 22 -1.35 6.38 3.55
CA PRO B 22 -0.13 5.99 4.26
C PRO B 22 -0.55 5.52 5.65
N LEU B 23 -1.67 6.01 6.11
CA LEU B 23 -2.19 5.59 7.44
C LEU B 23 -2.37 4.07 7.45
N LEU B 24 -2.75 3.54 6.33
CA LEU B 24 -2.92 2.06 6.20
C LEU B 24 -1.64 1.55 5.56
N VAL B 25 -0.56 2.19 5.92
CA VAL B 25 0.76 1.86 5.36
C VAL B 25 1.84 2.23 6.38
N GLY B 26 2.97 1.58 6.35
CA GLY B 26 4.03 1.94 7.33
C GLY B 26 4.33 3.44 7.19
N VAL B 27 3.91 4.23 8.14
CA VAL B 27 4.17 5.71 8.03
C VAL B 27 5.63 5.96 7.66
N SER B 28 5.87 6.93 6.84
CA SER B 28 7.28 7.24 6.42
C SER B 28 7.91 6.00 5.79
N ALA B 29 7.19 5.33 4.92
CA ALA B 29 7.73 4.12 4.25
C ALA B 29 7.50 4.21 2.74
N LYS B 30 7.96 5.28 2.14
CA LYS B 30 7.76 5.45 0.67
C LYS B 30 8.72 6.52 0.11
N PRO B 31 9.84 6.07 -0.38
CA PRO B 31 10.85 7.00 -0.93
C PRO B 31 10.37 7.56 -2.28
N VAL B 32 11.10 8.48 -2.84
CA VAL B 32 10.69 9.08 -4.15
C VAL B 32 11.93 9.36 -5.01
N ASN B 33 11.80 9.22 -6.30
CA ASN B 33 12.96 9.49 -7.20
C ASN B 33 12.61 10.56 -8.23
N ARG B 34 12.16 11.71 -7.78
CA ARG B 34 11.79 12.79 -8.74
C ARG B 34 12.13 14.16 -8.13
N PRO B 35 13.41 14.39 -7.93
CA PRO B 35 13.86 15.68 -7.35
C PRO B 35 13.72 16.81 -8.38
N ASP B 1 2.12 -17.93 -9.95
CA ASP B 1 0.77 -17.31 -9.87
C ASP B 1 0.65 -16.19 -10.90
N ALA B 2 -0.29 -15.31 -10.70
CA ALA B 2 -0.49 -14.18 -11.66
C ALA B 2 -0.94 -12.91 -10.92
N GLN B 3 -1.78 -13.06 -9.95
CA GLN B 3 -2.24 -11.86 -9.19
C GLN B 3 -1.09 -11.29 -8.39
N THR B 4 -0.45 -12.11 -7.60
CA THR B 4 0.72 -11.62 -6.82
C THR B 4 1.65 -10.90 -7.79
N ARG B 5 1.69 -11.37 -9.00
CA ARG B 5 2.51 -10.71 -10.04
C ARG B 5 1.83 -9.43 -10.44
N ARG B 6 0.54 -9.52 -10.68
CA ARG B 6 -0.22 -8.32 -11.09
C ARG B 6 -0.06 -7.23 -10.03
N ARG B 7 0.03 -7.63 -8.78
CA ARG B 7 0.20 -6.63 -7.69
C ARG B 7 1.42 -5.77 -7.97
N GLU B 8 2.45 -6.36 -8.47
CA GLU B 8 3.65 -5.54 -8.81
C GLU B 8 3.21 -4.55 -9.88
N ARG B 9 2.27 -4.95 -10.69
CA ARG B 9 1.73 -4.03 -11.72
C ARG B 9 0.78 -3.06 -11.03
N ARG B 10 0.39 -3.37 -9.82
CA ARG B 10 -0.52 -2.46 -9.09
C ARG B 10 0.28 -1.49 -8.22
N ALA B 11 1.59 -1.57 -8.26
CA ALA B 11 2.38 -0.60 -7.43
C ALA B 11 1.93 0.81 -7.79
N GLU B 12 1.44 0.99 -8.99
CA GLU B 12 0.93 2.33 -9.40
C GLU B 12 -0.42 2.54 -8.74
N LYS B 13 -1.18 1.49 -8.56
CA LYS B 13 -2.49 1.64 -7.88
C LYS B 13 -2.23 1.70 -6.39
N GLN B 14 -1.24 0.97 -5.96
CA GLN B 14 -0.84 0.95 -4.53
C GLN B 14 -0.20 2.29 -4.15
N ALA B 15 0.74 2.74 -4.93
CA ALA B 15 1.40 4.04 -4.61
C ALA B 15 0.40 5.18 -4.81
N GLN B 16 -0.58 4.99 -5.66
CA GLN B 16 -1.60 6.06 -5.86
C GLN B 16 -2.57 5.98 -4.69
N TRP B 17 -2.83 4.78 -4.24
CA TRP B 17 -3.74 4.58 -3.09
C TRP B 17 -2.99 4.94 -1.81
N LYS B 18 -1.80 4.42 -1.69
CA LYS B 18 -0.97 4.68 -0.49
C LYS B 18 -0.75 6.18 -0.37
N ALA B 19 -0.64 6.83 -1.49
CA ALA B 19 -0.44 8.29 -1.46
C ALA B 19 -1.64 8.97 -0.79
N ALA B 20 -2.80 8.38 -0.91
CA ALA B 20 -4.01 8.97 -0.29
C ALA B 20 -4.60 8.00 0.73
N ASN B 21 -3.79 7.17 1.29
CA ASN B 21 -4.26 6.20 2.32
C ASN B 21 -3.12 5.81 3.25
N PRO B 22 -2.46 6.81 3.80
CA PRO B 22 -1.36 6.56 4.74
C PRO B 22 -1.98 6.03 6.03
N LEU B 23 -3.20 6.43 6.29
CA LEU B 23 -3.90 5.92 7.51
C LEU B 23 -3.92 4.39 7.46
N LEU B 24 -4.05 3.86 6.28
CA LEU B 24 -4.04 2.39 6.10
C LEU B 24 -2.63 2.00 5.65
N VAL B 25 -1.70 2.77 6.11
CA VAL B 25 -0.28 2.55 5.74
C VAL B 25 0.59 3.00 6.91
N GLY B 26 1.30 2.09 7.51
CA GLY B 26 2.13 2.46 8.68
C GLY B 26 1.20 2.71 9.87
N VAL B 27 0.33 3.68 9.75
CA VAL B 27 -0.64 3.96 10.85
C VAL B 27 -1.57 2.75 11.04
N SER B 28 -2.12 2.58 12.21
CA SER B 28 -3.02 1.41 12.45
C SER B 28 -2.31 0.12 12.04
N ALA B 29 -3.03 -0.97 11.96
CA ALA B 29 -2.40 -2.27 11.57
C ALA B 29 -1.17 -2.53 12.44
N LYS B 30 -1.37 -2.98 13.65
CA LYS B 30 -0.24 -3.26 14.55
C LYS B 30 -0.35 -4.69 15.07
N PRO B 31 0.72 -5.20 15.63
CA PRO B 31 0.69 -6.58 16.16
C PRO B 31 -0.18 -6.67 17.42
N VAL B 32 -1.46 -6.55 17.26
CA VAL B 32 -2.38 -6.63 18.43
C VAL B 32 -3.49 -7.64 18.16
N ASN B 33 -3.73 -8.54 19.08
CA ASN B 33 -4.79 -9.57 18.87
C ASN B 33 -6.14 -8.88 18.65
N ARG B 34 -6.71 -9.02 17.47
CA ARG B 34 -8.02 -8.37 17.19
C ARG B 34 -9.05 -8.72 18.29
N PRO B 35 -9.37 -7.74 19.11
CA PRO B 35 -10.33 -7.97 20.21
C PRO B 35 -11.76 -8.03 19.66
N ASP B 1 3.09 -17.10 -8.01
CA ASP B 1 1.63 -17.08 -8.31
C ASP B 1 1.34 -16.08 -9.43
N ALA B 2 0.10 -15.69 -9.57
CA ALA B 2 -0.27 -14.72 -10.64
C ALA B 2 -0.75 -13.42 -10.03
N GLN B 3 -1.59 -13.50 -9.03
CA GLN B 3 -2.09 -12.24 -8.39
C GLN B 3 -0.93 -11.56 -7.67
N THR B 4 -0.26 -12.29 -6.81
CA THR B 4 0.91 -11.68 -6.11
C THR B 4 1.80 -11.04 -7.17
N ARG B 5 1.85 -11.64 -8.33
CA ARG B 5 2.64 -11.06 -9.44
C ARG B 5 1.91 -9.84 -9.95
N ARG B 6 0.63 -9.98 -10.15
CA ARG B 6 -0.17 -8.83 -10.66
C ARG B 6 -0.03 -7.66 -9.70
N ARG B 7 0.10 -7.94 -8.43
CA ARG B 7 0.26 -6.85 -7.44
C ARG B 7 1.43 -5.97 -7.84
N GLU B 8 2.45 -6.56 -8.38
CA GLU B 8 3.60 -5.73 -8.85
C GLU B 8 3.08 -4.86 -9.97
N ARG B 9 2.15 -5.39 -10.73
CA ARG B 9 1.53 -4.60 -11.81
C ARG B 9 0.55 -3.62 -11.19
N ARG B 10 0.20 -3.82 -9.94
CA ARG B 10 -0.74 -2.89 -9.28
C ARG B 10 0.04 -1.83 -8.53
N ALA B 11 1.35 -1.85 -8.59
CA ALA B 11 2.14 -0.80 -7.88
C ALA B 11 1.63 0.57 -8.34
N GLU B 12 1.10 0.61 -9.54
CA GLU B 12 0.55 1.89 -10.05
C GLU B 12 -0.80 2.13 -9.38
N LYS B 13 -1.52 1.06 -9.10
CA LYS B 13 -2.83 1.23 -8.41
C LYS B 13 -2.53 1.46 -6.93
N GLN B 14 -1.52 0.79 -6.45
CA GLN B 14 -1.10 0.91 -5.03
C GLN B 14 -0.47 2.28 -4.81
N ALA B 15 0.46 2.66 -5.65
CA ALA B 15 1.10 3.99 -5.48
C ALA B 15 0.07 5.09 -5.72
N GLN B 16 -0.95 4.80 -6.49
CA GLN B 16 -2.00 5.83 -6.73
C GLN B 16 -2.92 5.84 -5.52
N TRP B 17 -3.17 4.68 -4.97
CA TRP B 17 -4.02 4.57 -3.78
C TRP B 17 -3.22 5.00 -2.56
N LYS B 18 -2.02 4.50 -2.46
CA LYS B 18 -1.13 4.84 -1.32
C LYS B 18 -0.92 6.34 -1.30
N ALA B 19 -0.86 6.93 -2.46
CA ALA B 19 -0.67 8.40 -2.50
C ALA B 19 -1.85 9.09 -1.81
N ALA B 20 -3.01 8.47 -1.86
CA ALA B 20 -4.20 9.10 -1.23
C ALA B 20 -4.75 8.21 -0.13
N ASN B 21 -3.90 7.41 0.45
CA ASN B 21 -4.34 6.50 1.55
C ASN B 21 -3.15 6.13 2.45
N PRO B 22 -2.45 7.14 2.91
CA PRO B 22 -1.30 6.93 3.79
C PRO B 22 -1.84 6.47 5.14
N LEU B 23 -3.03 6.91 5.47
CA LEU B 23 -3.67 6.47 6.75
C LEU B 23 -3.73 4.94 6.77
N LEU B 24 -3.90 4.35 5.61
CA LEU B 24 -3.92 2.87 5.52
C LEU B 24 -2.56 2.44 5.00
N VAL B 25 -1.57 3.21 5.32
CA VAL B 25 -0.19 2.95 4.87
C VAL B 25 0.79 3.45 5.94
N GLY B 26 1.63 2.59 6.44
CA GLY B 26 2.57 3.04 7.52
C GLY B 26 1.75 3.18 8.81
N VAL B 27 0.74 4.03 8.79
CA VAL B 27 -0.14 4.20 9.98
C VAL B 27 -0.59 2.82 10.47
N SER B 28 -1.20 2.74 11.62
CA SER B 28 -1.68 1.42 12.10
C SER B 28 -3.04 1.09 11.49
N ALA B 29 -3.19 1.35 10.21
CA ALA B 29 -4.48 1.07 9.50
C ALA B 29 -5.66 1.08 10.49
N LYS B 30 -5.74 2.13 11.27
CA LYS B 30 -6.85 2.22 12.27
C LYS B 30 -7.66 3.50 12.05
N PRO B 31 -8.95 3.33 11.85
CA PRO B 31 -9.83 4.51 11.64
C PRO B 31 -10.10 5.22 12.96
N VAL B 32 -11.04 6.13 12.98
CA VAL B 32 -11.35 6.86 14.24
C VAL B 32 -12.05 5.93 15.24
N ASN B 33 -12.33 6.41 16.42
CA ASN B 33 -13.02 5.57 17.43
C ASN B 33 -14.07 6.39 18.18
N ARG B 34 -15.08 6.83 17.48
CA ARG B 34 -16.15 7.64 18.15
C ARG B 34 -17.54 7.11 17.75
N PRO B 35 -17.77 5.86 18.03
CA PRO B 35 -19.07 5.23 17.71
C PRO B 35 -20.16 5.73 18.66
N ASP B 1 2.59 -16.25 -7.99
CA ASP B 1 1.42 -16.51 -8.88
C ASP B 1 1.25 -15.38 -9.88
N ALA B 2 0.09 -15.26 -10.45
CA ALA B 2 -0.16 -14.18 -11.45
C ALA B 2 -0.66 -12.91 -10.75
N GLN B 3 -1.45 -13.07 -9.73
CA GLN B 3 -1.95 -11.87 -9.00
C GLN B 3 -0.81 -11.22 -8.25
N THR B 4 -0.13 -11.97 -7.43
CA THR B 4 1.02 -11.40 -6.69
C THR B 4 1.92 -10.68 -7.70
N ARG B 5 1.96 -11.22 -8.90
CA ARG B 5 2.75 -10.57 -9.98
C ARG B 5 2.01 -9.32 -10.41
N ARG B 6 0.73 -9.47 -10.62
CA ARG B 6 -0.09 -8.31 -11.06
C ARG B 6 0.04 -7.19 -10.03
N ARG B 7 0.19 -7.55 -8.78
CA ARG B 7 0.33 -6.52 -7.72
C ARG B 7 1.50 -5.61 -8.05
N GLU B 8 2.56 -6.16 -8.57
CA GLU B 8 3.69 -5.30 -8.97
C GLU B 8 3.19 -4.37 -10.07
N ARG B 9 2.26 -4.85 -10.84
CA ARG B 9 1.65 -4.01 -11.89
C ARG B 9 0.67 -3.05 -11.23
N ARG B 10 0.30 -3.33 -10.00
CA ARG B 10 -0.64 -2.43 -9.29
C ARG B 10 0.14 -1.41 -8.47
N ALA B 11 1.46 -1.42 -8.54
CA ALA B 11 2.23 -0.41 -7.77
C ALA B 11 1.71 0.98 -8.13
N GLU B 12 1.18 1.11 -9.31
CA GLU B 12 0.60 2.42 -9.74
C GLU B 12 -0.75 2.59 -9.04
N LYS B 13 -1.45 1.51 -8.82
CA LYS B 13 -2.75 1.60 -8.11
C LYS B 13 -2.45 1.71 -6.62
N GLN B 14 -1.42 1.04 -6.22
CA GLN B 14 -0.98 1.06 -4.80
C GLN B 14 -0.37 2.41 -4.46
N ALA B 15 0.55 2.86 -5.28
CA ALA B 15 1.19 4.18 -5.00
C ALA B 15 0.15 5.29 -5.13
N GLN B 16 -0.87 5.09 -5.93
CA GLN B 16 -1.92 6.14 -6.05
C GLN B 16 -2.83 6.03 -4.83
N TRP B 17 -3.04 4.82 -4.39
CA TRP B 17 -3.89 4.61 -3.20
C TRP B 17 -3.07 4.94 -1.95
N LYS B 18 -1.88 4.43 -1.91
CA LYS B 18 -0.99 4.69 -0.75
C LYS B 18 -0.78 6.18 -0.62
N ALA B 19 -0.72 6.85 -1.74
CA ALA B 19 -0.53 8.32 -1.68
C ALA B 19 -1.70 8.96 -0.92
N ALA B 20 -2.85 8.34 -0.98
CA ALA B 20 -4.03 8.91 -0.28
C ALA B 20 -4.54 7.92 0.77
N ASN B 21 -3.67 7.08 1.24
CA ASN B 21 -4.05 6.09 2.29
C ASN B 21 -2.81 5.67 3.10
N PRO B 22 -2.12 6.66 3.61
CA PRO B 22 -0.92 6.39 4.43
C PRO B 22 -1.41 5.83 5.77
N LEU B 23 -2.59 6.22 6.17
CA LEU B 23 -3.16 5.70 7.44
C LEU B 23 -3.17 4.18 7.38
N LEU B 24 -3.40 3.65 6.21
CA LEU B 24 -3.39 2.19 6.02
C LEU B 24 -2.05 1.83 5.38
N VAL B 25 -1.05 2.57 5.76
CA VAL B 25 0.30 2.37 5.21
C VAL B 25 1.33 2.86 6.23
N GLY B 26 2.19 1.99 6.67
CA GLY B 26 3.20 2.41 7.69
C GLY B 26 2.48 2.61 9.02
N VAL B 27 1.53 3.54 9.06
CA VAL B 27 0.75 3.77 10.31
C VAL B 27 0.22 2.44 10.84
N SER B 28 -0.34 2.42 12.01
CA SER B 28 -0.87 1.14 12.56
C SER B 28 -2.18 0.78 11.84
N ALA B 29 -2.17 0.82 10.52
CA ALA B 29 -3.39 0.48 9.71
C ALA B 29 -4.67 0.81 10.48
N LYS B 30 -4.91 2.07 10.75
CA LYS B 30 -6.14 2.45 11.50
C LYS B 30 -6.78 3.68 10.84
N PRO B 31 -8.02 3.92 11.17
CA PRO B 31 -8.74 5.08 10.60
C PRO B 31 -8.22 6.38 11.21
N VAL B 32 -8.59 7.51 10.67
CA VAL B 32 -8.11 8.81 11.23
C VAL B 32 -9.23 9.86 11.17
N ASN B 33 -9.30 10.64 10.12
CA ASN B 33 -10.36 11.68 10.03
C ASN B 33 -10.40 12.28 8.61
N ARG B 34 -11.44 13.01 8.30
CA ARG B 34 -11.53 13.63 6.94
C ARG B 34 -11.35 12.56 5.85
N PRO B 35 -12.18 11.55 5.90
CA PRO B 35 -12.11 10.45 4.91
C PRO B 35 -12.62 10.92 3.55
N ASP B 1 3.25 -17.29 -9.03
CA ASP B 1 1.76 -17.14 -9.16
C ASP B 1 1.43 -16.11 -10.24
N ALA B 2 0.24 -15.60 -10.22
CA ALA B 2 -0.17 -14.58 -11.23
C ALA B 2 -0.70 -13.33 -10.53
N GLN B 3 -1.48 -13.51 -9.50
CA GLN B 3 -2.03 -12.33 -8.77
C GLN B 3 -0.90 -11.61 -8.07
N THR B 4 -0.14 -12.32 -7.27
CA THR B 4 1.00 -11.65 -6.59
C THR B 4 1.82 -10.92 -7.65
N ARG B 5 1.88 -11.49 -8.82
CA ARG B 5 2.60 -10.82 -9.94
C ARG B 5 1.78 -9.61 -10.38
N ARG B 6 0.50 -9.81 -10.51
CA ARG B 6 -0.37 -8.71 -10.95
C ARG B 6 -0.22 -7.53 -9.98
N ARG B 7 -0.02 -7.83 -8.72
CA ARG B 7 0.15 -6.73 -7.72
C ARG B 7 1.30 -5.83 -8.15
N GLU B 8 2.34 -6.41 -8.67
CA GLU B 8 3.46 -5.57 -9.17
C GLU B 8 2.90 -4.69 -10.28
N ARG B 9 1.94 -5.21 -10.98
CA ARG B 9 1.28 -4.41 -12.05
C ARG B 9 0.34 -3.40 -11.39
N ARG B 10 0.04 -3.61 -10.12
CA ARG B 10 -0.85 -2.66 -9.43
C ARG B 10 -0.03 -1.62 -8.69
N ALA B 11 1.28 -1.65 -8.80
CA ALA B 11 2.09 -0.61 -8.10
C ALA B 11 1.58 0.76 -8.51
N GLU B 12 1.00 0.85 -9.69
CA GLU B 12 0.43 2.14 -10.14
C GLU B 12 -0.90 2.36 -9.43
N LYS B 13 -1.61 1.29 -9.14
CA LYS B 13 -2.89 1.45 -8.41
C LYS B 13 -2.57 1.60 -6.93
N GLN B 14 -1.52 0.94 -6.52
CA GLN B 14 -1.07 1.01 -5.11
C GLN B 14 -0.39 2.35 -4.85
N ALA B 15 0.51 2.73 -5.71
CA ALA B 15 1.20 4.03 -5.52
C ALA B 15 0.20 5.17 -5.70
N GLN B 16 -0.84 4.95 -6.47
CA GLN B 16 -1.85 6.03 -6.64
C GLN B 16 -2.77 6.01 -5.43
N TRP B 17 -3.01 4.83 -4.91
CA TRP B 17 -3.85 4.70 -3.70
C TRP B 17 -3.01 5.09 -2.49
N LYS B 18 -1.83 4.55 -2.42
CA LYS B 18 -0.93 4.84 -1.29
C LYS B 18 -0.67 6.34 -1.24
N ALA B 19 -0.61 6.94 -2.40
CA ALA B 19 -0.38 8.40 -2.43
C ALA B 19 -1.51 9.12 -1.70
N ALA B 20 -2.69 8.54 -1.72
CA ALA B 20 -3.84 9.18 -1.03
C ALA B 20 -4.37 8.28 0.07
N ASN B 21 -3.52 7.43 0.58
CA ASN B 21 -3.93 6.52 1.68
C ASN B 21 -2.72 6.12 2.53
N PRO B 22 -2.01 7.12 2.99
CA PRO B 22 -0.84 6.87 3.86
C PRO B 22 -1.37 6.40 5.21
N LEU B 23 -2.55 6.86 5.56
CA LEU B 23 -3.19 6.43 6.84
C LEU B 23 -3.28 4.90 6.86
N LEU B 24 -3.49 4.32 5.72
CA LEU B 24 -3.57 2.85 5.62
C LEU B 24 -2.28 2.36 5.00
N VAL B 25 -1.21 3.04 5.31
CA VAL B 25 0.10 2.69 4.73
C VAL B 25 1.19 2.74 5.79
N GLY B 26 1.81 1.62 6.06
CA GLY B 26 2.90 1.58 7.09
C GLY B 26 2.36 2.02 8.46
N VAL B 27 1.06 2.11 8.60
CA VAL B 27 0.45 2.52 9.90
C VAL B 27 1.09 3.82 10.41
N SER B 28 0.54 4.39 11.46
CA SER B 28 1.11 5.66 12.02
C SER B 28 1.32 6.68 10.91
N ALA B 29 0.33 6.91 10.11
CA ALA B 29 0.46 7.91 9.01
C ALA B 29 -0.82 8.76 8.94
N LYS B 30 -1.30 9.17 10.07
CA LYS B 30 -2.55 10.01 10.10
C LYS B 30 -2.87 10.42 11.54
N PRO B 31 -3.68 11.44 11.67
CA PRO B 31 -4.09 11.93 13.01
C PRO B 31 -5.07 10.94 13.66
N VAL B 32 -5.44 11.16 14.90
CA VAL B 32 -6.39 10.23 15.57
C VAL B 32 -7.82 10.47 15.06
N ASN B 33 -8.06 11.59 14.43
CA ASN B 33 -9.45 11.88 13.93
C ASN B 33 -10.44 11.80 15.09
N ARG B 34 -11.70 12.05 14.85
CA ARG B 34 -12.72 11.98 15.94
C ARG B 34 -12.23 12.74 17.19
N PRO B 35 -12.98 12.64 18.26
CA PRO B 35 -12.58 13.35 19.51
C PRO B 35 -11.36 12.67 20.14
N ASP B 1 2.52 -16.71 -7.90
CA ASP B 1 1.26 -16.90 -8.68
C ASP B 1 1.05 -15.73 -9.64
N ALA B 2 -0.15 -15.54 -10.10
CA ALA B 2 -0.43 -14.44 -11.05
C ALA B 2 -1.01 -13.24 -10.31
N GLN B 3 -1.74 -13.47 -9.25
CA GLN B 3 -2.33 -12.34 -8.49
C GLN B 3 -1.22 -11.63 -7.73
N THR B 4 -0.53 -12.33 -6.88
CA THR B 4 0.59 -11.69 -6.15
C THR B 4 1.49 -11.02 -7.19
N ARG B 5 1.53 -11.59 -8.37
CA ARG B 5 2.32 -11.00 -9.47
C ARG B 5 1.63 -9.74 -9.96
N ARG B 6 0.35 -9.83 -10.17
CA ARG B 6 -0.36 -8.63 -10.68
C ARG B 6 -0.20 -7.49 -9.67
N ARG B 7 -0.13 -7.82 -8.41
CA ARG B 7 0.04 -6.78 -7.36
C ARG B 7 1.27 -5.94 -7.69
N GLU B 8 2.31 -6.58 -8.14
CA GLU B 8 3.51 -5.81 -8.52
C GLU B 8 3.11 -4.89 -9.67
N ARG B 9 2.20 -5.34 -10.48
CA ARG B 9 1.69 -4.50 -11.57
C ARG B 9 0.72 -3.47 -10.98
N ARG B 10 0.30 -3.69 -9.76
CA ARG B 10 -0.62 -2.72 -9.12
C ARG B 10 0.16 -1.71 -8.31
N ALA B 11 1.47 -1.79 -8.31
CA ALA B 11 2.25 -0.78 -7.54
C ALA B 11 1.81 0.61 -8.00
N GLU B 12 1.35 0.70 -9.21
CA GLU B 12 0.86 2.00 -9.73
C GLU B 12 -0.50 2.28 -9.09
N LYS B 13 -1.28 1.26 -8.87
CA LYS B 13 -2.60 1.46 -8.21
C LYS B 13 -2.32 1.66 -6.72
N GLN B 14 -1.38 0.92 -6.22
CA GLN B 14 -0.98 1.02 -4.80
C GLN B 14 -0.35 2.38 -4.53
N ALA B 15 0.61 2.76 -5.33
CA ALA B 15 1.26 4.08 -5.12
C ALA B 15 0.23 5.19 -5.33
N GLN B 16 -0.79 4.92 -6.11
CA GLN B 16 -1.84 5.96 -6.33
C GLN B 16 -2.76 5.95 -5.12
N TRP B 17 -3.01 4.78 -4.60
CA TRP B 17 -3.86 4.67 -3.39
C TRP B 17 -3.04 5.08 -2.18
N LYS B 18 -1.86 4.56 -2.09
CA LYS B 18 -0.96 4.90 -0.95
C LYS B 18 -0.75 6.40 -0.94
N ALA B 19 -0.68 6.98 -2.11
CA ALA B 19 -0.50 8.45 -2.17
C ALA B 19 -1.65 9.15 -1.47
N ALA B 20 -2.80 8.53 -1.46
CA ALA B 20 -3.96 9.16 -0.78
C ALA B 20 -4.48 8.25 0.33
N ASN B 21 -3.62 7.44 0.85
CA ASN B 21 -4.00 6.53 1.97
C ASN B 21 -2.76 6.16 2.80
N PRO B 22 -2.04 7.16 3.21
CA PRO B 22 -0.85 6.93 4.04
C PRO B 22 -1.33 6.50 5.41
N LEU B 23 -2.50 6.93 5.78
CA LEU B 23 -3.10 6.53 7.09
C LEU B 23 -3.15 5.00 7.14
N LEU B 24 -3.39 4.39 6.02
CA LEU B 24 -3.43 2.91 5.95
C LEU B 24 -2.10 2.46 5.36
N VAL B 25 -1.08 3.20 5.68
CA VAL B 25 0.27 2.92 5.13
C VAL B 25 1.32 3.35 6.16
N GLY B 26 2.24 2.49 6.47
CA GLY B 26 3.29 2.86 7.47
C GLY B 26 2.59 3.18 8.80
N VAL B 27 2.30 4.43 9.04
CA VAL B 27 1.60 4.85 10.30
C VAL B 27 2.07 4.00 11.48
N SER B 28 1.24 3.87 12.47
CA SER B 28 1.61 3.03 13.64
C SER B 28 1.09 1.61 13.43
N ALA B 29 1.31 1.09 12.26
CA ALA B 29 0.84 -0.30 11.95
C ALA B 29 1.95 -1.06 11.22
N LYS B 30 3.14 -1.04 11.77
CA LYS B 30 4.27 -1.75 11.13
C LYS B 30 5.34 -2.10 12.17
N PRO B 31 5.29 -3.30 12.65
CA PRO B 31 6.27 -3.75 13.68
C PRO B 31 7.65 -3.93 13.05
N VAL B 32 8.70 -3.68 13.79
CA VAL B 32 10.07 -3.84 13.24
C VAL B 32 10.36 -5.30 12.93
N ASN B 33 9.77 -6.21 13.67
CA ASN B 33 10.01 -7.66 13.41
C ASN B 33 11.51 -7.98 13.35
N ARG B 34 12.23 -7.70 14.41
CA ARG B 34 13.70 -7.98 14.40
C ARG B 34 14.00 -9.33 15.06
N PRO B 35 13.62 -9.48 16.31
CA PRO B 35 13.88 -10.74 17.04
C PRO B 35 12.89 -11.82 16.59
N ASP B 1 3.12 -17.68 -9.51
CA ASP B 1 1.68 -17.32 -9.59
C ASP B 1 1.46 -16.21 -10.62
N ALA B 2 0.35 -15.53 -10.53
CA ALA B 2 0.07 -14.43 -11.50
C ALA B 2 -0.47 -13.21 -10.77
N GLN B 3 -1.31 -13.40 -9.80
CA GLN B 3 -1.86 -12.25 -9.05
C GLN B 3 -0.75 -11.60 -8.25
N THR B 4 -0.11 -12.38 -7.42
CA THR B 4 1.01 -11.81 -6.62
C THR B 4 1.94 -11.05 -7.57
N ARG B 5 2.05 -11.55 -8.77
CA ARG B 5 2.87 -10.85 -9.80
C ARG B 5 2.12 -9.61 -10.25
N ARG B 6 0.85 -9.78 -10.51
CA ARG B 6 0.04 -8.63 -10.96
C ARG B 6 0.11 -7.53 -9.90
N ARG B 7 0.20 -7.90 -8.66
CA ARG B 7 0.29 -6.88 -7.57
C ARG B 7 1.45 -5.94 -7.86
N GLU B 8 2.54 -6.47 -8.33
CA GLU B 8 3.67 -5.59 -8.69
C GLU B 8 3.19 -4.68 -9.81
N ARG B 9 2.31 -5.18 -10.63
CA ARG B 9 1.72 -4.35 -11.70
C ARG B 9 0.69 -3.41 -11.06
N ARG B 10 0.27 -3.71 -9.86
CA ARG B 10 -0.71 -2.83 -9.18
C ARG B 10 0.02 -1.74 -8.40
N ALA B 11 1.34 -1.74 -8.41
CA ALA B 11 2.06 -0.66 -7.67
C ALA B 11 1.53 0.69 -8.14
N GLU B 12 1.02 0.73 -9.36
CA GLU B 12 0.43 1.99 -9.87
C GLU B 12 -0.94 2.17 -9.22
N LYS B 13 -1.62 1.08 -8.95
CA LYS B 13 -2.94 1.20 -8.27
C LYS B 13 -2.67 1.42 -6.78
N GLN B 14 -1.65 0.78 -6.29
CA GLN B 14 -1.25 0.92 -4.87
C GLN B 14 -0.69 2.31 -4.63
N ALA B 15 0.24 2.74 -5.43
CA ALA B 15 0.81 4.10 -5.25
C ALA B 15 -0.27 5.15 -5.53
N GLN B 16 -1.26 4.82 -6.31
CA GLN B 16 -2.34 5.79 -6.58
C GLN B 16 -3.27 5.78 -5.39
N TRP B 17 -3.50 4.62 -4.86
CA TRP B 17 -4.36 4.48 -3.66
C TRP B 17 -3.59 5.02 -2.46
N LYS B 18 -2.38 4.59 -2.31
CA LYS B 18 -1.53 5.04 -1.17
C LYS B 18 -1.41 6.54 -1.25
N ALA B 19 -1.35 7.06 -2.44
CA ALA B 19 -1.25 8.53 -2.58
C ALA B 19 -2.50 9.19 -2.01
N ALA B 20 -3.61 8.49 -2.05
CA ALA B 20 -4.87 9.07 -1.50
C ALA B 20 -5.38 8.22 -0.35
N ASN B 21 -4.49 7.56 0.32
CA ASN B 21 -4.88 6.72 1.49
C ASN B 21 -3.70 6.57 2.45
N PRO B 22 -3.10 7.68 2.80
CA PRO B 22 -1.98 7.66 3.76
C PRO B 22 -2.56 7.31 5.12
N LEU B 23 -3.80 7.65 5.31
CA LEU B 23 -4.47 7.32 6.60
C LEU B 23 -4.38 5.81 6.82
N LEU B 24 -4.46 5.07 5.74
CA LEU B 24 -4.32 3.59 5.82
C LEU B 24 -2.91 3.27 5.39
N VAL B 25 -2.01 4.13 5.74
CA VAL B 25 -0.60 3.97 5.36
C VAL B 25 0.29 4.74 6.35
N GLY B 26 1.08 4.04 7.11
CA GLY B 26 1.95 4.73 8.11
C GLY B 26 1.05 5.36 9.17
N VAL B 27 0.29 6.36 8.82
CA VAL B 27 -0.63 7.01 9.80
C VAL B 27 -1.63 5.98 10.33
N SER B 28 -2.31 6.29 11.40
CA SER B 28 -3.30 5.31 11.96
C SER B 28 -2.63 3.95 12.17
N ALA B 29 -3.42 2.92 12.30
CA ALA B 29 -2.85 1.56 12.50
C ALA B 29 -1.90 1.55 13.71
N LYS B 30 -2.38 2.01 14.84
CA LYS B 30 -1.51 2.05 16.06
C LYS B 30 -2.39 2.12 17.32
N PRO B 31 -2.95 0.99 17.68
CA PRO B 31 -3.83 0.93 18.87
C PRO B 31 -2.99 0.92 20.15
N VAL B 32 -3.22 1.87 21.02
CA VAL B 32 -2.43 1.92 22.29
C VAL B 32 -3.38 1.95 23.49
N ASN B 33 -2.99 1.36 24.59
CA ASN B 33 -3.88 1.37 25.79
C ASN B 33 -4.02 2.79 26.34
N ARG B 34 -4.86 3.59 25.75
CA ARG B 34 -5.05 4.99 26.22
C ARG B 34 -6.54 5.35 26.26
N PRO B 35 -6.83 6.49 26.83
CA PRO B 35 -8.23 6.95 26.94
C PRO B 35 -8.77 7.39 25.56
N ASP B 1 2.56 -16.76 -8.13
CA ASP B 1 1.18 -16.81 -8.70
C ASP B 1 1.02 -15.76 -9.80
N ALA B 2 -0.20 -15.42 -10.12
CA ALA B 2 -0.45 -14.40 -11.17
C ALA B 2 -0.88 -13.08 -10.55
N GLN B 3 -1.66 -13.14 -9.51
CA GLN B 3 -2.11 -11.88 -8.85
C GLN B 3 -0.93 -11.21 -8.19
N THR B 4 -0.21 -11.93 -7.37
CA THR B 4 0.98 -11.33 -6.72
C THR B 4 1.82 -10.65 -7.80
N ARG B 5 1.80 -11.22 -8.98
CA ARG B 5 2.54 -10.62 -10.11
C ARG B 5 1.78 -9.40 -10.58
N ARG B 6 0.50 -9.56 -10.75
CA ARG B 6 -0.33 -8.42 -11.21
C ARG B 6 -0.20 -7.27 -10.23
N ARG B 7 -0.01 -7.59 -8.97
CA ARG B 7 0.14 -6.51 -7.94
C ARG B 7 1.29 -5.61 -8.34
N GLU B 8 2.34 -6.15 -8.88
CA GLU B 8 3.45 -5.27 -9.33
C GLU B 8 2.90 -4.36 -10.42
N ARG B 9 1.94 -4.87 -11.14
CA ARG B 9 1.28 -4.04 -12.18
C ARG B 9 0.31 -3.10 -11.49
N ARG B 10 0.01 -3.35 -10.24
CA ARG B 10 -0.91 -2.46 -9.50
C ARG B 10 -0.12 -1.45 -8.68
N ALA B 11 1.19 -1.45 -8.79
CA ALA B 11 1.97 -0.44 -8.02
C ALA B 11 1.43 0.94 -8.35
N GLU B 12 0.86 1.08 -9.52
CA GLU B 12 0.26 2.38 -9.92
C GLU B 12 -1.06 2.55 -9.19
N LYS B 13 -1.76 1.46 -8.96
CA LYS B 13 -3.04 1.54 -8.20
C LYS B 13 -2.69 1.64 -6.72
N GLN B 14 -1.66 0.94 -6.34
CA GLN B 14 -1.18 0.96 -4.94
C GLN B 14 -0.56 2.31 -4.62
N ALA B 15 0.33 2.77 -5.46
CA ALA B 15 0.96 4.09 -5.20
C ALA B 15 -0.10 5.19 -5.28
N GLN B 16 -1.16 4.97 -6.01
CA GLN B 16 -2.23 6.01 -6.07
C GLN B 16 -3.06 5.89 -4.81
N TRP B 17 -3.28 4.68 -4.38
CA TRP B 17 -4.05 4.45 -3.14
C TRP B 17 -3.16 4.80 -1.95
N LYS B 18 -1.95 4.32 -1.98
CA LYS B 18 -0.99 4.59 -0.87
C LYS B 18 -0.82 6.08 -0.75
N ALA B 19 -0.82 6.76 -1.86
CA ALA B 19 -0.66 8.23 -1.82
C ALA B 19 -1.82 8.84 -1.01
N ALA B 20 -2.96 8.21 -1.04
CA ALA B 20 -4.12 8.75 -0.27
C ALA B 20 -4.56 7.75 0.80
N ASN B 21 -3.64 6.95 1.24
CA ASN B 21 -3.96 5.95 2.31
C ASN B 21 -2.69 5.54 3.06
N PRO B 22 -1.98 6.53 3.52
CA PRO B 22 -0.74 6.28 4.29
C PRO B 22 -1.15 5.76 5.66
N LEU B 23 -2.32 6.11 6.10
CA LEU B 23 -2.80 5.61 7.42
C LEU B 23 -2.80 4.08 7.39
N LEU B 24 -3.11 3.53 6.26
CA LEU B 24 -3.07 2.05 6.09
C LEU B 24 -1.73 1.74 5.47
N VAL B 25 -0.76 2.51 5.85
CA VAL B 25 0.60 2.39 5.30
C VAL B 25 1.57 3.13 6.25
N GLY B 26 2.84 2.86 6.20
CA GLY B 26 3.78 3.59 7.11
C GLY B 26 3.34 3.39 8.57
N VAL B 27 2.18 3.90 8.92
CA VAL B 27 1.65 3.75 10.33
C VAL B 27 2.03 2.38 10.89
N SER B 28 2.05 2.25 12.19
CA SER B 28 2.41 0.93 12.77
C SER B 28 1.23 -0.05 12.61
N ALA B 29 0.76 -0.21 11.38
CA ALA B 29 -0.39 -1.14 11.11
C ALA B 29 -1.09 -1.57 12.40
N LYS B 30 -1.76 -0.67 13.04
CA LYS B 30 -2.46 -0.99 14.31
C LYS B 30 -3.91 -0.52 14.24
N PRO B 31 -4.71 -1.02 15.13
CA PRO B 31 -6.15 -0.63 15.14
C PRO B 31 -6.30 0.81 15.61
N VAL B 32 -6.06 1.76 14.75
CA VAL B 32 -6.20 3.19 15.14
C VAL B 32 -7.32 3.85 14.33
N ASN B 33 -7.94 4.86 14.86
CA ASN B 33 -9.04 5.55 14.12
C ASN B 33 -8.53 6.85 13.48
N ARG B 34 -7.51 6.76 12.67
CA ARG B 34 -6.97 7.99 12.02
C ARG B 34 -8.05 8.66 11.17
N PRO B 35 -8.48 9.82 11.60
CA PRO B 35 -9.53 10.55 10.85
C PRO B 35 -8.97 11.11 9.54
N ASP B 1 2.69 -18.23 -9.56
CA ASP B 1 1.35 -17.62 -9.33
C ASP B 1 1.02 -16.61 -10.43
N ALA B 2 0.11 -15.74 -10.17
CA ALA B 2 -0.28 -14.71 -11.19
C ALA B 2 -0.83 -13.47 -10.50
N GLN B 3 -1.65 -13.65 -9.50
CA GLN B 3 -2.21 -12.46 -8.79
C GLN B 3 -1.09 -11.76 -8.04
N THR B 4 -0.39 -12.48 -7.21
CA THR B 4 0.74 -11.87 -6.47
C THR B 4 1.61 -11.14 -7.49
N ARG B 5 1.73 -11.71 -8.65
CA ARG B 5 2.49 -11.04 -9.74
C ARG B 5 1.73 -9.82 -10.18
N ARG B 6 0.45 -9.99 -10.37
CA ARG B 6 -0.39 -8.86 -10.84
C ARG B 6 -0.26 -7.70 -9.84
N ARG B 7 -0.11 -8.01 -8.58
CA ARG B 7 0.05 -6.94 -7.55
C ARG B 7 1.22 -6.07 -7.92
N GLU B 8 2.28 -6.65 -8.37
CA GLU B 8 3.44 -5.82 -8.80
C GLU B 8 2.97 -4.93 -9.94
N ARG B 9 2.01 -5.42 -10.68
CA ARG B 9 1.44 -4.60 -11.77
C ARG B 9 0.47 -3.60 -11.16
N ARG B 10 0.09 -3.82 -9.92
CA ARG B 10 -0.84 -2.87 -9.26
C ARG B 10 -0.04 -1.79 -8.52
N ALA B 11 1.26 -1.84 -8.57
CA ALA B 11 2.06 -0.78 -7.88
C ALA B 11 1.54 0.58 -8.36
N GLU B 12 1.02 0.63 -9.55
CA GLU B 12 0.45 1.89 -10.07
C GLU B 12 -0.89 2.14 -9.39
N LYS B 13 -1.61 1.09 -9.10
CA LYS B 13 -2.91 1.25 -8.40
C LYS B 13 -2.60 1.49 -6.92
N GLN B 14 -1.58 0.84 -6.45
CA GLN B 14 -1.15 0.97 -5.04
C GLN B 14 -0.52 2.34 -4.83
N ALA B 15 0.39 2.72 -5.68
CA ALA B 15 1.04 4.06 -5.52
C ALA B 15 0.01 5.16 -5.78
N GLN B 16 -0.99 4.89 -6.58
CA GLN B 16 -2.03 5.94 -6.81
C GLN B 16 -2.95 5.96 -5.61
N TRP B 17 -3.18 4.80 -5.06
CA TRP B 17 -4.04 4.71 -3.85
C TRP B 17 -3.23 5.17 -2.64
N LYS B 18 -2.04 4.67 -2.53
CA LYS B 18 -1.17 5.04 -1.38
C LYS B 18 -0.94 6.53 -1.42
N ALA B 19 -0.88 7.08 -2.59
CA ALA B 19 -0.67 8.55 -2.69
C ALA B 19 -1.83 9.28 -2.03
N ALA B 20 -3.00 8.69 -2.05
CA ALA B 20 -4.17 9.34 -1.41
C ALA B 20 -4.73 8.47 -0.29
N ASN B 21 -3.89 7.68 0.29
CA ASN B 21 -4.33 6.81 1.42
C ASN B 21 -3.15 6.48 2.34
N PRO B 22 -2.45 7.51 2.76
CA PRO B 22 -1.32 7.33 3.68
C PRO B 22 -1.90 6.93 5.03
N LEU B 23 -3.12 7.35 5.28
CA LEU B 23 -3.80 6.99 6.56
C LEU B 23 -3.88 5.46 6.65
N LEU B 24 -4.02 4.82 5.53
CA LEU B 24 -4.07 3.34 5.49
C LEU B 24 -2.70 2.87 5.04
N VAL B 25 -1.72 3.64 5.38
CA VAL B 25 -0.33 3.33 4.99
C VAL B 25 0.62 3.76 6.11
N GLY B 26 1.50 2.89 6.53
CA GLY B 26 2.42 3.25 7.64
C GLY B 26 1.60 3.70 8.85
N VAL B 27 0.37 3.25 8.91
CA VAL B 27 -0.53 3.62 10.05
C VAL B 27 -0.39 2.56 11.15
N SER B 28 -1.38 2.44 12.00
CA SER B 28 -1.32 1.41 13.08
C SER B 28 -1.48 0.01 12.47
N ALA B 29 -0.62 -0.36 11.58
CA ALA B 29 -0.70 -1.70 10.95
C ALA B 29 0.69 -2.14 10.51
N LYS B 30 1.65 -2.02 11.38
CA LYS B 30 3.04 -2.41 11.03
C LYS B 30 3.44 -3.70 11.75
N PRO B 31 3.37 -4.80 11.04
CA PRO B 31 3.72 -6.11 11.63
C PRO B 31 5.24 -6.23 11.75
N VAL B 32 5.74 -6.45 12.94
CA VAL B 32 7.22 -6.57 13.12
C VAL B 32 7.61 -8.02 13.39
N ASN B 33 7.46 -8.88 12.39
CA ASN B 33 7.83 -10.31 12.58
C ASN B 33 7.19 -10.88 13.85
N ARG B 34 5.90 -11.07 13.84
CA ARG B 34 5.22 -11.63 15.05
C ARG B 34 3.70 -11.76 14.78
N PRO B 35 3.07 -10.67 14.44
CA PRO B 35 1.61 -10.70 14.16
C PRO B 35 1.33 -11.41 12.84
N ASP B 1 1.05 -16.34 -6.63
CA ASP B 1 0.55 -16.79 -7.95
C ASP B 1 0.39 -15.60 -8.89
N ALA B 2 -0.39 -15.75 -9.91
CA ALA B 2 -0.60 -14.63 -10.88
C ALA B 2 -1.16 -13.40 -10.16
N GLN B 3 -1.86 -13.61 -9.08
CA GLN B 3 -2.43 -12.46 -8.33
C GLN B 3 -1.31 -11.73 -7.61
N THR B 4 -0.59 -12.42 -6.77
CA THR B 4 0.56 -11.75 -6.08
C THR B 4 1.43 -11.13 -7.17
N ARG B 5 1.42 -11.74 -8.33
CA ARG B 5 2.20 -11.19 -9.47
C ARG B 5 1.51 -9.96 -9.99
N ARG B 6 0.21 -10.04 -10.19
CA ARG B 6 -0.51 -8.85 -10.71
C ARG B 6 -0.31 -7.69 -9.75
N ARG B 7 -0.22 -7.99 -8.48
CA ARG B 7 -0.01 -6.93 -7.46
C ARG B 7 1.20 -6.09 -7.84
N GLU B 8 2.24 -6.73 -8.29
CA GLU B 8 3.42 -5.95 -8.73
C GLU B 8 2.97 -5.07 -9.88
N ARG B 9 2.05 -5.55 -10.66
CA ARG B 9 1.51 -4.74 -11.76
C ARG B 9 0.55 -3.71 -11.17
N ARG B 10 0.17 -3.90 -9.93
CA ARG B 10 -0.75 -2.92 -9.30
C ARG B 10 0.06 -1.88 -8.52
N ALA B 11 1.37 -1.94 -8.57
CA ALA B 11 2.17 -0.91 -7.86
C ALA B 11 1.69 0.47 -8.31
N GLU B 12 1.17 0.54 -9.51
CA GLU B 12 0.64 1.83 -10.01
C GLU B 12 -0.70 2.10 -9.34
N LYS B 13 -1.46 1.06 -9.07
CA LYS B 13 -2.76 1.25 -8.36
C LYS B 13 -2.44 1.45 -6.88
N GLN B 14 -1.44 0.75 -6.42
CA GLN B 14 -1.00 0.86 -5.01
C GLN B 14 -0.35 2.23 -4.79
N ALA B 15 0.57 2.60 -5.62
CA ALA B 15 1.22 3.93 -5.46
C ALA B 15 0.19 5.03 -5.65
N GLN B 16 -0.83 4.77 -6.42
CA GLN B 16 -1.89 5.80 -6.61
C GLN B 16 -2.77 5.80 -5.38
N TRP B 17 -3.02 4.65 -4.84
CA TRP B 17 -3.84 4.54 -3.61
C TRP B 17 -2.98 4.98 -2.42
N LYS B 18 -1.79 4.47 -2.36
CA LYS B 18 -0.87 4.82 -1.25
C LYS B 18 -0.68 6.32 -1.25
N ALA B 19 -0.64 6.88 -2.43
CA ALA B 19 -0.47 8.35 -2.52
C ALA B 19 -1.62 9.05 -1.80
N ALA B 20 -2.77 8.42 -1.78
CA ALA B 20 -3.93 9.03 -1.09
C ALA B 20 -4.41 8.14 0.05
N ASN B 21 -3.51 7.36 0.58
CA ASN B 21 -3.86 6.47 1.72
C ASN B 21 -2.60 6.14 2.54
N PRO B 22 -1.89 7.16 2.92
CA PRO B 22 -0.67 6.98 3.72
C PRO B 22 -1.11 6.58 5.12
N LEU B 23 -2.30 7.00 5.50
CA LEU B 23 -2.84 6.63 6.83
C LEU B 23 -2.83 5.10 6.95
N LEU B 24 -3.08 4.45 5.86
CA LEU B 24 -3.05 2.97 5.83
C LEU B 24 -1.72 2.57 5.20
N VAL B 25 -0.72 3.34 5.50
CA VAL B 25 0.62 3.10 4.92
C VAL B 25 1.68 3.73 5.83
N GLY B 26 2.49 2.93 6.44
CA GLY B 26 3.54 3.48 7.35
C GLY B 26 2.87 4.15 8.55
N VAL B 27 2.14 5.21 8.33
CA VAL B 27 1.44 5.91 9.46
C VAL B 27 0.67 4.91 10.32
N SER B 28 0.54 5.20 11.60
CA SER B 28 -0.19 4.27 12.51
C SER B 28 0.32 2.84 12.35
N ALA B 29 1.61 2.70 12.24
CA ALA B 29 2.21 1.35 12.11
C ALA B 29 3.62 1.36 12.67
N LYS B 30 3.80 2.06 13.76
CA LYS B 30 5.14 2.13 14.39
C LYS B 30 5.05 2.89 15.73
N PRO B 31 5.68 2.34 16.74
CA PRO B 31 5.67 2.98 18.08
C PRO B 31 6.61 4.18 18.11
N VAL B 32 6.22 5.24 18.77
CA VAL B 32 7.10 6.44 18.85
C VAL B 32 7.49 6.73 20.30
N ASN B 33 8.47 7.56 20.51
CA ASN B 33 8.90 7.87 21.90
C ASN B 33 8.03 8.99 22.47
N ARG B 34 8.21 9.30 23.74
CA ARG B 34 7.40 10.39 24.37
C ARG B 34 5.91 10.14 24.17
N PRO B 35 5.34 9.31 25.01
CA PRO B 35 3.90 8.99 24.92
C PRO B 35 3.06 10.18 25.35
N ASP B 1 3.11 -17.28 -8.80
CA ASP B 1 1.71 -17.24 -9.31
C ASP B 1 1.54 -16.09 -10.30
N ALA B 2 0.33 -15.70 -10.56
CA ALA B 2 0.07 -14.58 -11.51
C ALA B 2 -0.50 -13.37 -10.78
N GLN B 3 -1.22 -13.60 -9.70
CA GLN B 3 -1.80 -12.45 -8.95
C GLN B 3 -0.69 -11.73 -8.22
N THR B 4 0.04 -12.42 -7.39
CA THR B 4 1.16 -11.76 -6.67
C THR B 4 1.99 -11.00 -7.70
N ARG B 5 2.07 -11.54 -8.89
CA ARG B 5 2.80 -10.86 -9.98
C ARG B 5 1.98 -9.67 -10.43
N ARG B 6 0.71 -9.88 -10.61
CA ARG B 6 -0.17 -8.77 -11.06
C ARG B 6 -0.08 -7.63 -10.06
N ARG B 7 0.08 -7.95 -8.80
CA ARG B 7 0.21 -6.89 -7.75
C ARG B 7 1.34 -5.95 -8.11
N GLU B 8 2.42 -6.50 -8.59
CA GLU B 8 3.53 -5.60 -9.01
C GLU B 8 3.01 -4.69 -10.11
N ARG B 9 2.08 -5.19 -10.86
CA ARG B 9 1.46 -4.36 -11.92
C ARG B 9 0.45 -3.43 -11.26
N ARG B 10 0.10 -3.69 -10.03
CA ARG B 10 -0.87 -2.81 -9.32
C ARG B 10 -0.10 -1.74 -8.56
N ALA B 11 1.21 -1.73 -8.62
CA ALA B 11 1.96 -0.66 -7.89
C ALA B 11 1.41 0.69 -8.33
N GLU B 12 0.88 0.75 -9.52
CA GLU B 12 0.27 2.01 -10.01
C GLU B 12 -1.09 2.19 -9.32
N LYS B 13 -1.76 1.10 -9.04
CA LYS B 13 -3.06 1.20 -8.32
C LYS B 13 -2.75 1.42 -6.85
N GLN B 14 -1.71 0.76 -6.40
CA GLN B 14 -1.27 0.89 -4.99
C GLN B 14 -0.71 2.29 -4.74
N ALA B 15 0.18 2.73 -5.58
CA ALA B 15 0.76 4.10 -5.40
C ALA B 15 -0.33 5.14 -5.64
N GLN B 16 -1.32 4.82 -6.43
CA GLN B 16 -2.42 5.80 -6.67
C GLN B 16 -3.33 5.76 -5.45
N TRP B 17 -3.48 4.60 -4.89
CA TRP B 17 -4.32 4.45 -3.68
C TRP B 17 -3.53 4.95 -2.48
N LYS B 18 -2.31 4.53 -2.39
CA LYS B 18 -1.45 4.95 -1.25
C LYS B 18 -1.34 6.46 -1.28
N ALA B 19 -1.33 7.02 -2.46
CA ALA B 19 -1.24 8.49 -2.58
C ALA B 19 -2.45 9.12 -1.89
N ALA B 20 -3.55 8.43 -1.90
CA ALA B 20 -4.77 8.98 -1.25
C ALA B 20 -5.22 8.07 -0.11
N ASN B 21 -4.30 7.36 0.46
CA ASN B 21 -4.62 6.46 1.60
C ASN B 21 -3.39 6.25 2.49
N PRO B 22 -2.79 7.33 2.88
CA PRO B 22 -1.61 7.25 3.77
C PRO B 22 -2.11 6.82 5.15
N LEU B 23 -3.36 7.11 5.41
CA LEU B 23 -3.96 6.71 6.72
C LEU B 23 -3.92 5.19 6.83
N LEU B 24 -4.08 4.52 5.72
CA LEU B 24 -4.00 3.04 5.70
C LEU B 24 -2.59 2.69 5.22
N VAL B 25 -1.68 3.51 5.62
CA VAL B 25 -0.27 3.37 5.21
C VAL B 25 0.60 3.96 6.32
N GLY B 26 1.86 3.60 6.41
CA GLY B 26 2.71 4.17 7.49
C GLY B 26 2.55 5.69 7.47
N VAL B 27 2.67 6.34 8.61
CA VAL B 27 2.51 7.83 8.62
C VAL B 27 3.27 8.45 7.45
N SER B 28 2.71 9.43 6.81
CA SER B 28 3.37 10.08 5.65
C SER B 28 3.99 8.99 4.76
N ALA B 29 3.35 7.86 4.70
CA ALA B 29 3.84 6.71 3.88
C ALA B 29 5.37 6.61 3.93
N LYS B 30 5.92 6.47 5.11
CA LYS B 30 7.41 6.36 5.25
C LYS B 30 7.77 5.71 6.59
N PRO B 31 8.71 4.80 6.55
CA PRO B 31 9.13 4.10 7.80
C PRO B 31 10.08 5.00 8.60
N VAL B 32 9.61 6.14 9.02
CA VAL B 32 10.49 7.05 9.82
C VAL B 32 9.69 7.68 10.97
N ASN B 33 10.30 7.86 12.12
CA ASN B 33 9.55 8.46 13.26
C ASN B 33 9.89 9.96 13.39
N ARG B 34 9.95 10.65 12.29
CA ARG B 34 10.25 12.11 12.32
C ARG B 34 11.50 12.39 13.17
N PRO B 35 12.65 12.13 12.59
CA PRO B 35 13.93 12.35 13.30
C PRO B 35 14.25 13.85 13.34
N ASP B 1 2.08 -15.70 -6.89
CA ASP B 1 1.46 -16.28 -8.12
C ASP B 1 1.09 -15.17 -9.10
N ALA B 2 0.21 -15.46 -10.01
CA ALA B 2 -0.21 -14.43 -11.01
C ALA B 2 -0.78 -13.20 -10.30
N GLN B 3 -1.42 -13.41 -9.19
CA GLN B 3 -2.00 -12.25 -8.44
C GLN B 3 -0.87 -11.47 -7.79
N THR B 4 -0.07 -12.12 -7.00
CA THR B 4 1.09 -11.41 -6.38
C THR B 4 1.87 -10.74 -7.51
N ARG B 5 1.83 -11.34 -8.68
CA ARG B 5 2.52 -10.76 -9.85
C ARG B 5 1.76 -9.54 -10.33
N ARG B 6 0.46 -9.68 -10.46
CA ARG B 6 -0.32 -8.52 -10.95
C ARG B 6 -0.17 -7.37 -9.95
N ARG B 7 -0.03 -7.69 -8.71
CA ARG B 7 0.15 -6.63 -7.66
C ARG B 7 1.33 -5.76 -8.04
N GLU B 8 2.39 -6.34 -8.50
CA GLU B 8 3.54 -5.51 -8.93
C GLU B 8 3.07 -4.59 -10.05
N ARG B 9 2.11 -5.05 -10.79
CA ARG B 9 1.52 -4.21 -11.86
C ARG B 9 0.55 -3.22 -11.22
N ARG B 10 0.20 -3.46 -9.98
CA ARG B 10 -0.74 -2.55 -9.29
C ARG B 10 0.05 -1.53 -8.45
N ALA B 11 1.36 -1.57 -8.50
CA ALA B 11 2.14 -0.56 -7.70
C ALA B 11 1.64 0.83 -8.07
N GLU B 12 1.13 0.98 -9.28
CA GLU B 12 0.60 2.29 -9.70
C GLU B 12 -0.77 2.48 -9.04
N LYS B 13 -1.50 1.42 -8.83
CA LYS B 13 -2.81 1.53 -8.15
C LYS B 13 -2.53 1.65 -6.66
N GLN B 14 -1.53 0.95 -6.22
CA GLN B 14 -1.13 0.98 -4.80
C GLN B 14 -0.51 2.33 -4.45
N ALA B 15 0.42 2.78 -5.24
CA ALA B 15 1.06 4.09 -4.96
C ALA B 15 0.03 5.21 -5.13
N GLN B 16 -0.97 5.00 -5.93
CA GLN B 16 -2.01 6.05 -6.10
C GLN B 16 -2.95 5.96 -4.91
N TRP B 17 -3.17 4.76 -4.45
CA TRP B 17 -4.04 4.56 -3.27
C TRP B 17 -3.25 4.91 -2.01
N LYS B 18 -2.05 4.41 -1.93
CA LYS B 18 -1.18 4.68 -0.76
C LYS B 18 -0.97 6.17 -0.65
N ALA B 19 -0.90 6.83 -1.77
CA ALA B 19 -0.69 8.29 -1.74
C ALA B 19 -1.87 8.96 -1.02
N ALA B 20 -3.03 8.36 -1.09
CA ALA B 20 -4.21 8.95 -0.41
C ALA B 20 -4.79 7.98 0.61
N ASN B 21 -3.96 7.13 1.13
CA ASN B 21 -4.42 6.16 2.16
C ASN B 21 -3.27 5.74 3.08
N PRO B 22 -2.57 6.72 3.59
CA PRO B 22 -1.46 6.44 4.53
C PRO B 22 -2.08 5.95 5.83
N LEU B 23 -3.29 6.38 6.10
CA LEU B 23 -4.00 5.93 7.32
C LEU B 23 -4.06 4.40 7.31
N LEU B 24 -4.20 3.84 6.14
CA LEU B 24 -4.22 2.36 6.00
C LEU B 24 -2.84 1.93 5.56
N VAL B 25 -1.86 2.65 6.02
CA VAL B 25 -0.47 2.38 5.63
C VAL B 25 0.47 2.81 6.76
N GLY B 26 1.38 1.97 7.16
CA GLY B 26 2.31 2.34 8.28
C GLY B 26 1.48 2.75 9.49
N VAL B 27 1.28 4.03 9.68
CA VAL B 27 0.45 4.53 10.84
C VAL B 27 0.71 3.70 12.10
N SER B 28 -0.21 3.71 13.01
CA SER B 28 -0.03 2.92 14.27
C SER B 28 -0.12 1.42 13.95
N ALA B 29 0.77 0.93 13.13
CA ALA B 29 0.75 -0.52 12.75
C ALA B 29 2.16 -0.98 12.44
N LYS B 30 3.09 -0.68 13.31
CA LYS B 30 4.50 -1.08 13.07
C LYS B 30 4.93 -2.11 14.13
N PRO B 31 4.83 -3.36 13.78
CA PRO B 31 5.21 -4.45 14.72
C PRO B 31 6.74 -4.53 14.87
N VAL B 32 7.21 -4.93 16.02
CA VAL B 32 8.69 -5.02 16.25
C VAL B 32 9.35 -3.67 15.95
N ASN B 33 9.68 -2.92 16.97
CA ASN B 33 10.33 -1.60 16.76
C ASN B 33 11.53 -1.73 15.81
N ARG B 34 11.45 -1.15 14.64
CA ARG B 34 12.57 -1.22 13.67
C ARG B 34 12.23 -0.43 12.40
N PRO B 35 11.15 -0.79 11.75
CA PRO B 35 10.74 -0.09 10.51
C PRO B 35 10.19 1.30 10.85
N ASP B 1 2.61 -16.68 -8.28
CA ASP B 1 1.21 -16.76 -8.76
C ASP B 1 0.94 -15.69 -9.81
N ALA B 2 -0.30 -15.40 -10.07
CA ALA B 2 -0.64 -14.36 -11.08
C ALA B 2 -1.11 -13.08 -10.38
N GLN B 3 -1.70 -13.23 -9.23
CA GLN B 3 -2.17 -12.03 -8.49
C GLN B 3 -0.98 -11.30 -7.88
N THR B 4 -0.15 -12.01 -7.17
CA THR B 4 1.06 -11.35 -6.58
C THR B 4 1.80 -10.65 -7.71
N ARG B 5 1.73 -11.21 -8.89
CA ARG B 5 2.39 -10.58 -10.06
C ARG B 5 1.60 -9.37 -10.49
N ARG B 6 0.30 -9.51 -10.60
CA ARG B 6 -0.51 -8.37 -11.03
C ARG B 6 -0.34 -7.23 -10.02
N ARG B 7 -0.15 -7.58 -8.77
CA ARG B 7 0.04 -6.54 -7.72
C ARG B 7 1.20 -5.66 -8.11
N GLU B 8 2.25 -6.24 -8.62
CA GLU B 8 3.39 -5.40 -9.08
C GLU B 8 2.87 -4.48 -10.17
N ARG B 9 1.92 -4.97 -10.94
CA ARG B 9 1.29 -4.14 -11.98
C ARG B 9 0.36 -3.14 -11.30
N ARG B 10 0.02 -3.40 -10.06
CA ARG B 10 -0.86 -2.47 -9.33
C ARG B 10 -0.03 -1.49 -8.51
N ALA B 11 1.27 -1.54 -8.62
CA ALA B 11 2.10 -0.57 -7.84
C ALA B 11 1.63 0.84 -8.17
N GLU B 12 1.07 1.01 -9.34
CA GLU B 12 0.54 2.34 -9.74
C GLU B 12 -0.79 2.56 -9.00
N LYS B 13 -1.53 1.49 -8.78
CA LYS B 13 -2.80 1.63 -8.04
C LYS B 13 -2.46 1.72 -6.55
N GLN B 14 -1.45 0.98 -6.17
CA GLN B 14 -0.97 0.98 -4.77
C GLN B 14 -0.30 2.31 -4.43
N ALA B 15 0.60 2.74 -5.26
CA ALA B 15 1.28 4.04 -4.99
C ALA B 15 0.28 5.18 -5.10
N GLN B 16 -0.76 5.02 -5.88
CA GLN B 16 -1.78 6.09 -5.98
C GLN B 16 -2.67 6.02 -4.75
N TRP B 17 -2.91 4.81 -4.30
CA TRP B 17 -3.73 4.62 -3.07
C TRP B 17 -2.88 4.96 -1.86
N LYS B 18 -1.70 4.40 -1.82
CA LYS B 18 -0.78 4.65 -0.69
C LYS B 18 -0.51 6.14 -0.58
N ALA B 19 -0.46 6.79 -1.71
CA ALA B 19 -0.23 8.25 -1.69
C ALA B 19 -1.37 8.94 -0.96
N ALA B 20 -2.55 8.37 -1.01
CA ALA B 20 -3.71 8.99 -0.31
C ALA B 20 -4.27 8.04 0.74
N ASN B 21 -3.44 7.21 1.27
CA ASN B 21 -3.89 6.26 2.34
C ASN B 21 -2.74 5.89 3.26
N PRO B 22 -2.05 6.89 3.73
CA PRO B 22 -0.94 6.65 4.68
C PRO B 22 -1.57 6.22 6.00
N LEU B 23 -2.81 6.61 6.19
CA LEU B 23 -3.55 6.21 7.43
C LEU B 23 -3.64 4.69 7.48
N LEU B 24 -3.77 4.08 6.34
CA LEU B 24 -3.80 2.60 6.25
C LEU B 24 -2.41 2.16 5.85
N VAL B 25 -1.45 2.87 6.34
CA VAL B 25 -0.05 2.61 5.99
C VAL B 25 0.85 3.08 7.17
N GLY B 26 2.07 2.63 7.24
CA GLY B 26 2.95 3.07 8.36
C GLY B 26 3.39 4.51 8.13
N VAL B 27 2.45 5.41 7.98
CA VAL B 27 2.77 6.85 7.74
C VAL B 27 3.69 7.00 6.54
N SER B 28 3.40 7.95 5.69
CA SER B 28 4.24 8.19 4.47
C SER B 28 4.76 6.87 3.91
N ALA B 29 3.97 5.83 3.99
CA ALA B 29 4.38 4.48 3.50
C ALA B 29 5.88 4.26 3.73
N LYS B 30 6.28 4.14 4.98
CA LYS B 30 7.72 3.93 5.29
C LYS B 30 7.91 2.58 5.98
N PRO B 31 8.93 1.86 5.57
CA PRO B 31 9.21 0.53 6.17
C PRO B 31 9.83 0.69 7.56
N VAL B 32 10.08 -0.38 8.25
CA VAL B 32 10.69 -0.28 9.61
C VAL B 32 11.73 -1.38 9.83
N ASN B 33 11.47 -2.56 9.34
CA ASN B 33 12.45 -3.69 9.52
C ASN B 33 12.82 -3.84 11.00
N ARG B 34 11.84 -3.96 11.85
CA ARG B 34 12.13 -4.10 13.31
C ARG B 34 10.84 -4.45 14.07
N PRO B 35 10.64 -5.72 14.31
CA PRO B 35 9.44 -6.17 15.04
C PRO B 35 9.53 -5.80 16.52
N ASP B 1 1.72 -16.25 -7.06
CA ASP B 1 1.12 -16.69 -8.35
C ASP B 1 0.92 -15.48 -9.27
N ALA B 2 0.07 -15.61 -10.24
CA ALA B 2 -0.19 -14.48 -11.18
C ALA B 2 -0.77 -13.29 -10.43
N GLN B 3 -1.45 -13.54 -9.33
CA GLN B 3 -2.04 -12.42 -8.56
C GLN B 3 -0.93 -11.67 -7.84
N THR B 4 -0.17 -12.35 -7.02
CA THR B 4 0.95 -11.66 -6.33
C THR B 4 1.78 -10.96 -7.41
N ARG B 5 1.81 -11.53 -8.58
CA ARG B 5 2.55 -10.92 -9.71
C ARG B 5 1.78 -9.71 -10.19
N ARG B 6 0.51 -9.85 -10.37
CA ARG B 6 -0.29 -8.69 -10.85
C ARG B 6 -0.14 -7.54 -9.85
N ARG B 7 0.00 -7.86 -8.60
CA ARG B 7 0.16 -6.79 -7.56
C ARG B 7 1.35 -5.92 -7.94
N GLU B 8 2.39 -6.51 -8.41
CA GLU B 8 3.56 -5.70 -8.84
C GLU B 8 3.07 -4.80 -9.99
N ARG B 9 2.15 -5.32 -10.75
CA ARG B 9 1.56 -4.51 -11.85
C ARG B 9 0.60 -3.50 -11.22
N ARG B 10 0.21 -3.72 -9.99
CA ARG B 10 -0.70 -2.76 -9.33
C ARG B 10 0.11 -1.75 -8.53
N ALA B 11 1.42 -1.79 -8.60
CA ALA B 11 2.22 -0.78 -7.85
C ALA B 11 1.73 0.62 -8.25
N GLU B 12 1.22 0.73 -9.45
CA GLU B 12 0.68 2.03 -9.90
C GLU B 12 -0.66 2.27 -9.20
N LYS B 13 -1.39 1.20 -8.96
CA LYS B 13 -2.69 1.35 -8.24
C LYS B 13 -2.37 1.52 -6.75
N GLN B 14 -1.37 0.81 -6.31
CA GLN B 14 -0.92 0.87 -4.91
C GLN B 14 -0.28 2.23 -4.63
N ALA B 15 0.63 2.63 -5.46
CA ALA B 15 1.30 3.96 -5.25
C ALA B 15 0.28 5.08 -5.38
N GLN B 16 -0.74 4.90 -6.18
CA GLN B 16 -1.76 5.97 -6.31
C GLN B 16 -2.64 5.91 -5.06
N TRP B 17 -2.90 4.73 -4.60
CA TRP B 17 -3.72 4.57 -3.37
C TRP B 17 -2.87 4.94 -2.16
N LYS B 18 -1.68 4.41 -2.12
CA LYS B 18 -0.77 4.70 -0.98
C LYS B 18 -0.53 6.18 -0.92
N ALA B 19 -0.48 6.82 -2.06
CA ALA B 19 -0.26 8.28 -2.07
C ALA B 19 -1.41 8.97 -1.34
N ALA B 20 -2.58 8.38 -1.36
CA ALA B 20 -3.74 9.00 -0.67
C ALA B 20 -4.26 8.06 0.42
N ASN B 21 -3.41 7.24 0.93
CA ASN B 21 -3.81 6.31 2.03
C ASN B 21 -2.59 5.92 2.87
N PRO B 22 -1.88 6.90 3.32
CA PRO B 22 -0.70 6.66 4.17
C PRO B 22 -1.20 6.17 5.52
N LEU B 23 -2.38 6.59 5.89
CA LEU B 23 -2.98 6.13 7.17
C LEU B 23 -3.02 4.61 7.17
N LEU B 24 -3.26 4.04 6.02
CA LEU B 24 -3.27 2.57 5.88
C LEU B 24 -1.94 2.16 5.30
N VAL B 25 -0.93 2.90 5.65
CA VAL B 25 0.43 2.66 5.15
C VAL B 25 1.44 3.15 6.18
N GLY B 26 2.22 2.27 6.72
CA GLY B 26 3.20 2.69 7.76
C GLY B 26 2.42 2.97 9.05
N VAL B 27 1.49 3.92 9.00
CA VAL B 27 0.69 4.24 10.22
C VAL B 27 -0.03 2.98 10.69
N SER B 28 -0.23 2.85 11.98
CA SER B 28 -0.94 1.64 12.51
C SER B 28 -0.32 0.37 11.94
N ALA B 29 -0.93 -0.76 12.17
CA ALA B 29 -0.38 -2.04 11.63
C ALA B 29 1.10 -2.19 12.00
N LYS B 30 1.38 -2.48 13.25
CA LYS B 30 2.80 -2.64 13.68
C LYS B 30 3.03 -4.04 14.26
N PRO B 31 4.04 -4.71 13.75
CA PRO B 31 4.36 -6.07 14.24
C PRO B 31 5.00 -6.00 15.63
N VAL B 32 4.48 -6.73 16.58
CA VAL B 32 5.06 -6.70 17.95
C VAL B 32 6.02 -7.87 18.15
N ASN B 33 5.71 -9.00 17.57
CA ASN B 33 6.59 -10.20 17.72
C ASN B 33 6.89 -10.45 19.20
N ARG B 34 5.89 -10.38 20.03
CA ARG B 34 6.11 -10.61 21.48
C ARG B 34 6.05 -12.11 21.81
N PRO B 35 4.96 -12.75 21.45
CA PRO B 35 4.82 -14.20 21.72
C PRO B 35 5.71 -15.01 20.77
N ASP B 1 2.21 -18.15 -8.82
CA ASP B 1 0.79 -17.67 -8.82
C ASP B 1 0.60 -16.61 -9.89
N ALA B 2 -0.43 -15.82 -9.75
CA ALA B 2 -0.69 -14.75 -10.76
C ALA B 2 -1.19 -13.47 -10.07
N GLN B 3 -1.94 -13.61 -9.01
CA GLN B 3 -2.43 -12.39 -8.32
C GLN B 3 -1.27 -11.72 -7.60
N THR B 4 -0.61 -12.44 -6.74
CA THR B 4 0.57 -11.84 -6.03
C THR B 4 1.46 -11.20 -7.09
N ARG B 5 1.47 -11.77 -8.26
CA ARG B 5 2.27 -11.18 -9.37
C ARG B 5 1.57 -9.94 -9.86
N ARG B 6 0.28 -10.02 -10.05
CA ARG B 6 -0.46 -8.84 -10.54
C ARG B 6 -0.29 -7.69 -9.55
N ARG B 7 -0.20 -8.00 -8.28
CA ARG B 7 -0.02 -6.94 -7.26
C ARG B 7 1.21 -6.13 -7.62
N GLU B 8 2.24 -6.78 -8.06
CA GLU B 8 3.44 -6.02 -8.50
C GLU B 8 3.01 -5.14 -9.66
N ARG B 9 2.11 -5.64 -10.45
CA ARG B 9 1.56 -4.84 -11.56
C ARG B 9 0.66 -3.76 -10.98
N ARG B 10 0.26 -3.92 -9.74
CA ARG B 10 -0.60 -2.90 -9.12
C ARG B 10 0.23 -1.90 -8.34
N ALA B 11 1.54 -2.00 -8.40
CA ALA B 11 2.37 -0.99 -7.67
C ALA B 11 1.95 0.40 -8.15
N GLU B 12 1.44 0.48 -9.35
CA GLU B 12 0.98 1.79 -9.88
C GLU B 12 -0.37 2.11 -9.24
N LYS B 13 -1.16 1.10 -8.97
CA LYS B 13 -2.45 1.34 -8.30
C LYS B 13 -2.18 1.55 -6.81
N GLN B 14 -1.21 0.83 -6.33
CA GLN B 14 -0.81 0.93 -4.90
C GLN B 14 -0.11 2.26 -4.66
N ALA B 15 0.84 2.58 -5.49
CA ALA B 15 1.57 3.88 -5.31
C ALA B 15 0.60 5.03 -5.58
N GLN B 16 -0.40 4.81 -6.39
CA GLN B 16 -1.38 5.90 -6.66
C GLN B 16 -2.33 5.96 -5.48
N TRP B 17 -2.63 4.82 -4.92
CA TRP B 17 -3.52 4.77 -3.74
C TRP B 17 -2.72 5.19 -2.51
N LYS B 18 -1.55 4.62 -2.37
CA LYS B 18 -0.67 4.96 -1.22
C LYS B 18 -0.38 6.44 -1.26
N ALA B 19 -0.26 6.98 -2.45
CA ALA B 19 0.01 8.42 -2.56
C ALA B 19 -1.14 9.21 -1.94
N ALA B 20 -2.33 8.65 -1.97
CA ALA B 20 -3.49 9.37 -1.37
C ALA B 20 -4.10 8.54 -0.26
N ASN B 21 -3.31 7.73 0.36
CA ASN B 21 -3.79 6.89 1.49
C ASN B 21 -2.64 6.52 2.43
N PRO B 22 -1.89 7.52 2.82
CA PRO B 22 -0.77 7.31 3.75
C PRO B 22 -1.37 7.02 5.12
N LEU B 23 -2.54 7.53 5.36
CA LEU B 23 -3.22 7.26 6.65
C LEU B 23 -3.32 5.75 6.84
N LEU B 24 -3.50 5.05 5.76
CA LEU B 24 -3.56 3.58 5.81
C LEU B 24 -2.20 3.07 5.33
N VAL B 25 -1.19 3.80 5.69
CA VAL B 25 0.18 3.47 5.26
C VAL B 25 1.20 4.13 6.19
N GLY B 26 1.97 3.36 6.90
CA GLY B 26 2.96 3.97 7.83
C GLY B 26 2.20 4.69 8.95
N VAL B 27 1.53 5.78 8.63
CA VAL B 27 0.75 6.52 9.66
C VAL B 27 -0.22 5.56 10.35
N SER B 28 -0.55 5.83 11.59
CA SER B 28 -1.50 4.92 12.31
C SER B 28 -1.00 3.47 12.22
N ALA B 29 -1.76 2.54 12.73
CA ALA B 29 -1.33 1.10 12.66
C ALA B 29 0.13 0.96 13.12
N LYS B 30 0.44 1.46 14.29
CA LYS B 30 1.84 1.36 14.79
C LYS B 30 1.89 1.74 16.28
N PRO B 31 2.98 1.38 16.92
CA PRO B 31 3.15 1.69 18.36
C PRO B 31 3.43 3.18 18.55
N VAL B 32 3.70 3.60 19.76
CA VAL B 32 3.98 5.05 20.02
C VAL B 32 5.38 5.41 19.52
N ASN B 33 5.59 6.65 19.16
CA ASN B 33 6.93 7.06 18.68
C ASN B 33 7.64 7.94 19.72
N ARG B 34 7.78 7.43 20.92
CA ARG B 34 8.46 8.22 21.99
C ARG B 34 9.42 7.33 22.78
N PRO B 35 10.49 6.95 22.14
CA PRO B 35 11.49 6.08 22.79
C PRO B 35 12.31 6.88 23.81
N ASP B 1 1.76 -18.60 -9.43
CA ASP B 1 0.72 -17.62 -8.98
C ASP B 1 0.47 -16.59 -10.08
N ALA B 2 -0.10 -15.48 -9.71
CA ALA B 2 -0.40 -14.42 -10.73
C ALA B 2 -0.99 -13.18 -10.04
N GLN B 3 -1.75 -13.38 -9.00
CA GLN B 3 -2.34 -12.20 -8.28
C GLN B 3 -1.24 -11.47 -7.54
N THR B 4 -0.55 -12.14 -6.67
CA THR B 4 0.58 -11.47 -5.96
C THR B 4 1.48 -10.84 -7.01
N ARG B 5 1.51 -11.45 -8.18
CA ARG B 5 2.32 -10.89 -9.29
C ARG B 5 1.63 -9.66 -9.82
N ARG B 6 0.35 -9.74 -10.05
CA ARG B 6 -0.36 -8.57 -10.58
C ARG B 6 -0.20 -7.40 -9.62
N ARG B 7 -0.14 -7.69 -8.35
CA ARG B 7 0.03 -6.61 -7.33
C ARG B 7 1.28 -5.80 -7.67
N GLU B 8 2.32 -6.46 -8.09
CA GLU B 8 3.53 -5.70 -8.49
C GLU B 8 3.14 -4.78 -9.64
N ARG B 9 2.20 -5.23 -10.43
CA ARG B 9 1.70 -4.38 -11.54
C ARG B 9 0.76 -3.33 -10.96
N ARG B 10 0.35 -3.52 -9.73
CA ARG B 10 -0.55 -2.53 -9.10
C ARG B 10 0.26 -1.56 -8.26
N ALA B 11 1.56 -1.67 -8.25
CA ALA B 11 2.38 -0.71 -7.46
C ALA B 11 1.99 0.72 -7.90
N GLU B 12 1.54 0.84 -9.12
CA GLU B 12 1.10 2.17 -9.61
C GLU B 12 -0.26 2.49 -9.01
N LYS B 13 -1.07 1.48 -8.81
CA LYS B 13 -2.40 1.70 -8.18
C LYS B 13 -2.17 1.85 -6.68
N GLN B 14 -1.24 1.11 -6.18
CA GLN B 14 -0.88 1.16 -4.74
C GLN B 14 -0.20 2.47 -4.42
N ALA B 15 0.79 2.84 -5.18
CA ALA B 15 1.49 4.12 -4.91
C ALA B 15 0.53 5.29 -5.12
N GLN B 16 -0.46 5.12 -5.96
CA GLN B 16 -1.44 6.22 -6.17
C GLN B 16 -2.41 6.20 -5.00
N TRP B 17 -2.73 5.03 -4.55
CA TRP B 17 -3.65 4.90 -3.38
C TRP B 17 -2.87 5.23 -2.12
N LYS B 18 -1.71 4.67 -2.00
CA LYS B 18 -0.86 4.90 -0.81
C LYS B 18 -0.55 6.38 -0.71
N ALA B 19 -0.39 7.02 -1.83
CA ALA B 19 -0.10 8.46 -1.82
C ALA B 19 -1.25 9.21 -1.16
N ALA B 20 -2.45 8.68 -1.27
CA ALA B 20 -3.62 9.36 -0.64
C ALA B 20 -4.28 8.44 0.36
N ASN B 21 -3.54 7.56 0.93
CA ASN B 21 -4.10 6.63 1.97
C ASN B 21 -3.00 6.13 2.91
N PRO B 22 -2.25 7.05 3.44
CA PRO B 22 -1.18 6.70 4.39
C PRO B 22 -1.86 6.27 5.69
N LEU B 23 -3.03 6.80 5.95
CA LEU B 23 -3.79 6.41 7.16
C LEU B 23 -3.98 4.90 7.15
N LEU B 24 -4.15 4.35 5.98
CA LEU B 24 -4.29 2.87 5.85
C LEU B 24 -2.94 2.33 5.43
N VAL B 25 -1.92 3.00 5.86
CA VAL B 25 -0.53 2.62 5.51
C VAL B 25 0.38 2.99 6.67
N GLY B 26 0.98 2.02 7.31
CA GLY B 26 1.86 2.34 8.48
C GLY B 26 0.96 2.73 9.66
N VAL B 27 0.17 3.77 9.49
CA VAL B 27 -0.74 4.20 10.59
C VAL B 27 -1.70 3.07 10.95
N SER B 28 -2.05 2.96 12.20
CA SER B 28 -2.99 1.87 12.64
C SER B 28 -2.54 0.52 12.09
N ALA B 29 -3.38 -0.49 12.22
CA ALA B 29 -3.01 -1.84 11.70
C ALA B 29 -1.63 -2.27 12.22
N LYS B 30 -1.49 -2.39 13.51
CA LYS B 30 -0.18 -2.80 14.08
C LYS B 30 -0.38 -3.85 15.19
N PRO B 31 -0.72 -5.05 14.76
CA PRO B 31 -0.96 -6.15 15.72
C PRO B 31 0.38 -6.76 16.16
N VAL B 32 0.60 -6.85 17.44
CA VAL B 32 1.88 -7.45 17.94
C VAL B 32 1.60 -8.55 18.95
N ASN B 33 2.08 -9.74 18.72
CA ASN B 33 1.84 -10.85 19.68
C ASN B 33 3.02 -11.82 19.69
N ARG B 34 4.20 -11.30 19.91
CA ARG B 34 5.41 -12.19 19.94
C ARG B 34 5.46 -12.98 21.26
N PRO B 35 5.41 -12.28 22.37
CA PRO B 35 5.46 -12.97 23.68
C PRO B 35 4.11 -13.64 23.99
N ASP B 1 3.49 -16.28 -7.88
CA ASP B 1 2.19 -16.58 -8.57
C ASP B 1 1.92 -15.52 -9.65
N ALA B 2 0.69 -15.43 -10.06
CA ALA B 2 0.34 -14.43 -11.11
C ALA B 2 -0.29 -13.19 -10.47
N GLN B 3 -1.16 -13.40 -9.52
CA GLN B 3 -1.81 -12.23 -8.85
C GLN B 3 -0.76 -11.51 -8.02
N THR B 4 -0.09 -12.22 -7.16
CA THR B 4 0.98 -11.57 -6.35
C THR B 4 1.88 -10.80 -7.31
N ARG B 5 2.05 -11.32 -8.48
CA ARG B 5 2.87 -10.63 -9.51
C ARG B 5 2.09 -9.43 -10.01
N ARG B 6 0.83 -9.64 -10.28
CA ARG B 6 0.00 -8.53 -10.79
C ARG B 6 0.00 -7.39 -9.78
N ARG B 7 0.07 -7.72 -8.51
CA ARG B 7 0.10 -6.68 -7.45
C ARG B 7 1.23 -5.70 -7.74
N GLU B 8 2.34 -6.20 -8.19
CA GLU B 8 3.45 -5.27 -8.55
C GLU B 8 2.95 -4.42 -9.71
N ARG B 9 2.15 -5.00 -10.54
CA ARG B 9 1.56 -4.23 -11.67
C ARG B 9 0.49 -3.30 -11.10
N ARG B 10 0.05 -3.56 -9.90
CA ARG B 10 -0.98 -2.68 -9.28
C ARG B 10 -0.31 -1.55 -8.50
N ALA B 11 1.00 -1.47 -8.51
CA ALA B 11 1.67 -0.35 -7.78
C ALA B 11 1.03 0.96 -8.23
N GLU B 12 0.54 0.98 -9.44
CA GLU B 12 -0.15 2.20 -9.95
C GLU B 12 -1.49 2.32 -9.24
N LYS B 13 -2.13 1.21 -8.99
CA LYS B 13 -3.42 1.24 -8.25
C LYS B 13 -3.09 1.55 -6.78
N GLN B 14 -2.04 0.93 -6.31
CA GLN B 14 -1.58 1.14 -4.92
C GLN B 14 -1.15 2.59 -4.72
N ALA B 15 -0.32 3.08 -5.58
CA ALA B 15 0.14 4.49 -5.45
C ALA B 15 -1.03 5.44 -5.64
N GLN B 16 -2.08 5.02 -6.31
CA GLN B 16 -3.24 5.92 -6.48
C GLN B 16 -4.05 5.87 -5.20
N TRP B 17 -4.09 4.72 -4.61
CA TRP B 17 -4.82 4.54 -3.34
C TRP B 17 -3.97 5.09 -2.20
N LYS B 18 -2.73 4.73 -2.19
CA LYS B 18 -1.81 5.21 -1.13
C LYS B 18 -1.81 6.72 -1.15
N ALA B 19 -1.93 7.29 -2.32
CA ALA B 19 -1.96 8.76 -2.40
C ALA B 19 -3.19 9.28 -1.65
N ALA B 20 -4.24 8.50 -1.62
CA ALA B 20 -5.47 8.94 -0.91
C ALA B 20 -5.78 7.98 0.24
N ASN B 21 -4.76 7.40 0.80
CA ASN B 21 -4.98 6.48 1.96
C ASN B 21 -3.74 6.43 2.85
N PRO B 22 -3.26 7.59 3.22
CA PRO B 22 -2.10 7.67 4.13
C PRO B 22 -2.58 7.19 5.50
N LEU B 23 -3.87 7.32 5.72
CA LEU B 23 -4.47 6.85 7.00
C LEU B 23 -4.28 5.34 7.12
N LEU B 24 -4.36 4.66 6.02
CA LEU B 24 -4.15 3.19 6.01
C LEU B 24 -2.72 2.95 5.55
N VAL B 25 -1.88 3.86 5.91
CA VAL B 25 -0.46 3.81 5.51
C VAL B 25 0.39 4.35 6.66
N GLY B 26 1.61 3.88 6.81
CA GLY B 26 2.48 4.37 7.92
C GLY B 26 2.48 5.90 7.96
N VAL B 27 1.61 6.48 8.76
CA VAL B 27 1.55 7.97 8.82
C VAL B 27 1.44 8.55 7.41
N SER B 28 2.06 9.66 7.17
CA SER B 28 1.99 10.26 5.82
C SER B 28 2.85 9.46 4.85
N ALA B 29 2.69 8.16 4.82
CA ALA B 29 3.50 7.29 3.90
C ALA B 29 4.98 7.71 3.94
N LYS B 30 5.67 7.38 5.00
CA LYS B 30 7.11 7.76 5.11
C LYS B 30 7.98 6.50 5.21
N PRO B 31 9.05 6.48 4.45
CA PRO B 31 9.95 5.31 4.46
C PRO B 31 10.83 5.34 5.72
N VAL B 32 11.85 4.50 5.75
CA VAL B 32 12.75 4.47 6.94
C VAL B 32 14.02 5.29 6.65
N ASN B 33 15.08 5.04 7.38
CA ASN B 33 16.33 5.80 7.15
C ASN B 33 17.54 4.88 7.23
N ARG B 34 18.73 5.43 7.27
CA ARG B 34 19.96 4.59 7.35
C ARG B 34 19.96 3.54 6.24
N PRO B 35 20.03 4.00 5.01
CA PRO B 35 20.04 3.09 3.84
C PRO B 35 21.40 2.38 3.73
N ASP B 1 3.33 -16.82 -9.35
CA ASP B 1 1.84 -16.82 -9.51
C ASP B 1 1.44 -15.79 -10.58
N ALA B 2 0.20 -15.40 -10.57
CA ALA B 2 -0.28 -14.41 -11.57
C ALA B 2 -0.83 -13.17 -10.87
N GLN B 3 -1.68 -13.37 -9.90
CA GLN B 3 -2.24 -12.20 -9.16
C GLN B 3 -1.13 -11.54 -8.36
N THR B 4 -0.47 -12.31 -7.54
CA THR B 4 0.66 -11.73 -6.76
C THR B 4 1.58 -11.00 -7.73
N ARG B 5 1.66 -11.52 -8.93
CA ARG B 5 2.48 -10.85 -9.98
C ARG B 5 1.77 -9.60 -10.43
N ARG B 6 0.49 -9.73 -10.65
CA ARG B 6 -0.31 -8.56 -11.10
C ARG B 6 -0.17 -7.44 -10.07
N ARG B 7 -0.07 -7.79 -8.82
CA ARG B 7 0.09 -6.75 -7.75
C ARG B 7 1.28 -5.87 -8.08
N GLU B 8 2.34 -6.47 -8.56
CA GLU B 8 3.51 -5.63 -8.95
C GLU B 8 3.05 -4.67 -10.03
N ARG B 9 2.09 -5.09 -10.80
CA ARG B 9 1.53 -4.20 -11.84
C ARG B 9 0.56 -3.22 -11.17
N ARG B 10 0.18 -3.50 -9.95
CA ARG B 10 -0.73 -2.57 -9.25
C ARG B 10 0.06 -1.56 -8.42
N ALA B 11 1.37 -1.65 -8.46
CA ALA B 11 2.19 -0.66 -7.68
C ALA B 11 1.72 0.74 -8.04
N GLU B 12 1.24 0.88 -9.25
CA GLU B 12 0.71 2.19 -9.70
C GLU B 12 -0.61 2.43 -8.98
N LYS B 13 -1.39 1.39 -8.85
CA LYS B 13 -2.68 1.53 -8.12
C LYS B 13 -2.37 1.68 -6.64
N GLN B 14 -1.39 0.96 -6.19
CA GLN B 14 -0.96 1.04 -4.76
C GLN B 14 -0.31 2.38 -4.48
N ALA B 15 0.61 2.80 -5.31
CA ALA B 15 1.27 4.11 -5.07
C ALA B 15 0.26 5.24 -5.26
N GLN B 16 -0.73 5.04 -6.09
CA GLN B 16 -1.75 6.11 -6.27
C GLN B 16 -2.69 6.07 -5.08
N TRP B 17 -2.94 4.88 -4.59
CA TRP B 17 -3.81 4.73 -3.40
C TRP B 17 -3.00 5.11 -2.16
N LYS B 18 -1.82 4.60 -2.07
CA LYS B 18 -0.94 4.89 -0.91
C LYS B 18 -0.69 6.38 -0.85
N ALA B 19 -0.59 7.00 -1.99
CA ALA B 19 -0.35 8.45 -2.01
C ALA B 19 -1.49 9.17 -1.30
N ALA B 20 -2.66 8.60 -1.35
CA ALA B 20 -3.83 9.25 -0.69
C ALA B 20 -4.44 8.31 0.35
N ASN B 21 -3.64 7.44 0.89
CA ASN B 21 -4.15 6.51 1.94
C ASN B 21 -3.03 6.04 2.86
N PRO B 22 -2.27 6.97 3.37
CA PRO B 22 -1.19 6.65 4.32
C PRO B 22 -1.86 6.26 5.63
N LEU B 23 -3.06 6.75 5.82
CA LEU B 23 -3.83 6.40 7.05
C LEU B 23 -4.09 4.89 7.08
N LEU B 24 -4.28 4.32 5.92
CA LEU B 24 -4.52 2.86 5.83
C LEU B 24 -3.19 2.20 5.46
N VAL B 25 -2.14 2.83 5.91
CA VAL B 25 -0.77 2.34 5.62
C VAL B 25 0.02 2.29 6.92
N GLY B 26 1.10 1.55 6.98
CA GLY B 26 1.90 1.46 8.23
C GLY B 26 2.58 2.80 8.51
N VAL B 27 1.81 3.83 8.77
CA VAL B 27 2.37 5.18 9.05
C VAL B 27 3.64 5.42 8.24
N SER B 28 3.64 5.00 7.02
CA SER B 28 4.83 5.18 6.15
C SER B 28 4.40 5.54 4.73
N ALA B 29 5.25 5.29 3.77
CA ALA B 29 4.90 5.62 2.36
C ALA B 29 4.70 7.12 2.20
N LYS B 30 5.65 7.90 2.64
CA LYS B 30 5.52 9.39 2.54
C LYS B 30 6.71 9.96 1.76
N PRO B 31 6.41 10.72 0.74
CA PRO B 31 7.48 11.33 -0.09
C PRO B 31 8.16 12.46 0.68
N VAL B 32 9.31 12.91 0.21
CA VAL B 32 10.03 14.01 0.92
C VAL B 32 10.54 15.04 -0.10
N ASN B 33 10.54 16.29 0.26
CA ASN B 33 11.03 17.34 -0.68
C ASN B 33 11.59 18.53 0.11
N ARG B 34 12.72 19.03 -0.30
CA ARG B 34 13.34 20.20 0.42
C ARG B 34 14.61 20.65 -0.30
N PRO B 35 15.56 19.75 -0.44
CA PRO B 35 16.84 20.09 -1.12
C PRO B 35 16.61 20.24 -2.63
N ASP B 1 2.95 -17.34 -8.96
CA ASP B 1 1.50 -17.32 -9.31
C ASP B 1 1.21 -16.18 -10.29
N ALA B 2 -0.02 -15.80 -10.41
CA ALA B 2 -0.39 -14.71 -11.36
C ALA B 2 -0.91 -13.50 -10.59
N GLN B 3 -1.69 -13.71 -9.58
CA GLN B 3 -2.21 -12.56 -8.79
C GLN B 3 -1.07 -11.95 -8.00
N THR B 4 -0.42 -12.74 -7.19
CA THR B 4 0.74 -12.20 -6.42
C THR B 4 1.65 -11.48 -7.40
N ARG B 5 1.73 -11.99 -8.60
CA ARG B 5 2.55 -11.34 -9.65
C ARG B 5 1.84 -10.07 -10.09
N ARG B 6 0.56 -10.19 -10.30
CA ARG B 6 -0.22 -9.01 -10.75
C ARG B 6 -0.08 -7.90 -9.71
N ARG B 7 0.03 -8.25 -8.46
CA ARG B 7 0.19 -7.23 -7.39
C ARG B 7 1.38 -6.35 -7.73
N GLU B 8 2.43 -6.94 -8.22
CA GLU B 8 3.59 -6.12 -8.63
C GLU B 8 3.11 -5.21 -9.75
N ARG B 9 2.20 -5.71 -10.54
CA ARG B 9 1.63 -4.88 -11.62
C ARG B 9 0.63 -3.90 -10.99
N ARG B 10 0.24 -4.14 -9.77
CA ARG B 10 -0.70 -3.20 -9.11
C ARG B 10 0.09 -2.11 -8.40
N ALA B 11 1.40 -2.16 -8.43
CA ALA B 11 2.19 -1.09 -7.74
C ALA B 11 1.69 0.26 -8.27
N GLU B 12 1.18 0.27 -9.47
CA GLU B 12 0.62 1.53 -10.03
C GLU B 12 -0.73 1.80 -9.38
N LYS B 13 -1.45 0.75 -9.06
CA LYS B 13 -2.75 0.93 -8.37
C LYS B 13 -2.47 1.20 -6.89
N GLN B 14 -1.46 0.54 -6.40
CA GLN B 14 -1.04 0.72 -4.98
C GLN B 14 -0.41 2.10 -4.81
N ALA B 15 0.50 2.45 -5.66
CA ALA B 15 1.14 3.79 -5.55
C ALA B 15 0.10 4.88 -5.83
N GLN B 16 -0.88 4.59 -6.64
CA GLN B 16 -1.93 5.62 -6.90
C GLN B 16 -2.85 5.67 -5.69
N TRP B 17 -3.09 4.53 -5.11
CA TRP B 17 -3.95 4.47 -3.91
C TRP B 17 -3.14 4.98 -2.72
N LYS B 18 -1.95 4.49 -2.59
CA LYS B 18 -1.08 4.91 -1.47
C LYS B 18 -0.86 6.41 -1.57
N ALA B 19 -0.80 6.90 -2.77
CA ALA B 19 -0.60 8.36 -2.95
C ALA B 19 -1.76 9.11 -2.30
N ALA B 20 -2.92 8.51 -2.27
CA ALA B 20 -4.10 9.18 -1.64
C ALA B 20 -4.62 8.34 -0.48
N ASN B 21 -3.77 7.57 0.10
CA ASN B 21 -4.18 6.73 1.27
C ASN B 21 -2.97 6.42 2.17
N PRO B 22 -2.26 7.45 2.52
CA PRO B 22 -1.09 7.29 3.41
C PRO B 22 -1.62 6.97 4.81
N LEU B 23 -2.84 7.41 5.06
CA LEU B 23 -3.47 7.13 6.39
C LEU B 23 -3.55 5.61 6.58
N LEU B 24 -3.77 4.90 5.50
CA LEU B 24 -3.82 3.42 5.56
C LEU B 24 -2.45 2.92 5.10
N VAL B 25 -1.47 3.68 5.44
CA VAL B 25 -0.08 3.38 5.05
C VAL B 25 0.86 3.92 6.12
N GLY B 26 2.02 3.34 6.28
CA GLY B 26 2.96 3.86 7.33
C GLY B 26 3.10 5.37 7.13
N VAL B 27 3.03 6.15 8.19
CA VAL B 27 3.12 7.64 8.03
C VAL B 27 4.17 7.98 6.96
N SER B 28 3.90 8.99 6.18
CA SER B 28 4.85 9.38 5.11
C SER B 28 5.21 8.14 4.27
N ALA B 29 4.27 7.24 4.18
CA ALA B 29 4.46 5.97 3.41
C ALA B 29 5.92 5.52 3.40
N LYS B 30 6.32 4.74 4.38
CA LYS B 30 7.72 4.27 4.45
C LYS B 30 7.76 2.79 4.86
N PRO B 31 7.89 1.93 3.87
CA PRO B 31 7.93 0.47 4.13
C PRO B 31 9.25 0.08 4.80
N VAL B 32 9.20 -0.32 6.05
CA VAL B 32 10.45 -0.72 6.76
C VAL B 32 10.12 -1.30 8.15
N ASN B 33 9.08 -0.81 8.76
CA ASN B 33 8.70 -1.33 10.11
C ASN B 33 8.18 -2.76 10.01
N ARG B 34 9.03 -3.68 9.64
CA ARG B 34 8.60 -5.11 9.52
C ARG B 34 8.43 -5.73 10.91
N PRO B 35 9.46 -5.66 11.71
CA PRO B 35 9.39 -6.23 13.08
C PRO B 35 8.56 -5.34 13.99
N ASP B 1 4.03 -16.23 -9.61
CA ASP B 1 2.54 -16.20 -9.52
C ASP B 1 1.99 -15.21 -10.54
N ALA B 2 0.77 -14.78 -10.36
CA ALA B 2 0.15 -13.80 -11.30
C ALA B 2 -0.37 -12.59 -10.54
N GLN B 3 -0.99 -12.82 -9.42
CA GLN B 3 -1.52 -11.67 -8.62
C GLN B 3 -0.36 -10.90 -8.03
N THR B 4 0.49 -11.56 -7.30
CA THR B 4 1.66 -10.86 -6.73
C THR B 4 2.39 -10.17 -7.88
N ARG B 5 2.30 -10.74 -9.05
CA ARG B 5 2.94 -10.12 -10.24
C ARG B 5 2.13 -8.91 -10.66
N ARG B 6 0.84 -9.07 -10.76
CA ARG B 6 0.02 -7.91 -11.17
C ARG B 6 0.16 -6.81 -10.14
N ARG B 7 0.37 -7.17 -8.91
CA ARG B 7 0.52 -6.17 -7.83
C ARG B 7 1.66 -5.24 -8.18
N GLU B 8 2.73 -5.75 -8.72
CA GLU B 8 3.84 -4.87 -9.11
C GLU B 8 3.29 -3.88 -10.14
N ARG B 9 2.30 -4.33 -10.87
CA ARG B 9 1.63 -3.44 -11.85
C ARG B 9 0.65 -2.55 -11.12
N ARG B 10 0.35 -2.86 -9.88
CA ARG B 10 -0.59 -2.03 -9.11
C ARG B 10 0.19 -1.09 -8.20
N ALA B 11 1.50 -1.10 -8.25
CA ALA B 11 2.27 -0.17 -7.38
C ALA B 11 1.77 1.25 -7.66
N GLU B 12 1.27 1.47 -8.84
CA GLU B 12 0.73 2.80 -9.17
C GLU B 12 -0.64 2.95 -8.50
N LYS B 13 -1.36 1.86 -8.38
CA LYS B 13 -2.68 1.91 -7.70
C LYS B 13 -2.41 1.95 -6.20
N GLN B 14 -1.42 1.21 -5.79
CA GLN B 14 -1.03 1.15 -4.36
C GLN B 14 -0.40 2.47 -3.95
N ALA B 15 0.54 2.95 -4.69
CA ALA B 15 1.18 4.25 -4.34
C ALA B 15 0.14 5.37 -4.47
N GLN B 16 -0.84 5.20 -5.31
CA GLN B 16 -1.88 6.26 -5.45
C GLN B 16 -2.82 6.11 -4.27
N TRP B 17 -3.11 4.90 -3.92
CA TRP B 17 -3.99 4.65 -2.75
C TRP B 17 -3.23 4.95 -1.47
N LYS B 18 -2.04 4.44 -1.39
CA LYS B 18 -1.21 4.65 -0.18
C LYS B 18 -0.96 6.13 -0.01
N ALA B 19 -0.84 6.83 -1.11
CA ALA B 19 -0.61 8.28 -1.01
C ALA B 19 -1.80 8.94 -0.30
N ALA B 20 -2.96 8.37 -0.43
CA ALA B 20 -4.16 8.95 0.23
C ALA B 20 -4.78 7.94 1.20
N ASN B 21 -3.99 7.06 1.71
CA ASN B 21 -4.50 6.05 2.69
C ASN B 21 -3.37 5.56 3.60
N PRO B 22 -2.66 6.50 4.18
CA PRO B 22 -1.58 6.15 5.11
C PRO B 22 -2.24 5.65 6.39
N LEU B 23 -3.43 6.11 6.65
CA LEU B 23 -4.18 5.64 7.85
C LEU B 23 -4.30 4.11 7.79
N LEU B 24 -4.39 3.59 6.60
CA LEU B 24 -4.45 2.12 6.41
C LEU B 24 -3.06 1.69 5.99
N VAL B 25 -2.09 2.38 6.48
CA VAL B 25 -0.68 2.10 6.12
C VAL B 25 0.23 2.57 7.25
N GLY B 26 0.92 1.66 7.88
CA GLY B 26 1.82 2.06 9.01
C GLY B 26 0.93 2.56 10.16
N VAL B 27 0.31 3.70 10.00
CA VAL B 27 -0.58 4.24 11.07
C VAL B 27 -1.90 3.47 11.05
N SER B 28 -2.56 3.36 12.17
CA SER B 28 -3.86 2.63 12.21
C SER B 28 -3.71 1.26 11.53
N ALA B 29 -4.82 0.68 11.12
CA ALA B 29 -4.81 -0.66 10.42
C ALA B 29 -3.39 -1.07 9.99
N LYS B 30 -2.64 -1.63 10.88
CA LYS B 30 -1.25 -2.05 10.53
C LYS B 30 -1.15 -3.58 10.48
N PRO B 31 -1.18 -4.12 9.29
CA PRO B 31 -1.08 -5.59 9.12
C PRO B 31 0.34 -6.07 9.41
N VAL B 32 0.55 -6.67 10.55
CA VAL B 32 1.91 -7.16 10.90
C VAL B 32 2.33 -8.29 9.96
N ASN B 33 3.60 -8.45 9.73
CA ASN B 33 4.07 -9.53 8.81
C ASN B 33 3.77 -10.91 9.43
N ARG B 34 4.01 -11.96 8.69
CA ARG B 34 3.75 -13.32 9.24
C ARG B 34 5.00 -14.20 9.10
N PRO B 35 5.51 -14.66 10.22
CA PRO B 35 6.72 -15.51 10.20
C PRO B 35 6.38 -16.91 9.68
N ASP B 1 1.87 -17.11 -7.04
CA ASP B 1 0.73 -17.30 -8.00
C ASP B 1 0.66 -16.13 -8.97
N ALA B 2 -0.47 -15.95 -9.59
CA ALA B 2 -0.64 -14.83 -10.55
C ALA B 2 -1.20 -13.60 -9.85
N GLN B 3 -1.93 -13.80 -8.79
CA GLN B 3 -2.51 -12.63 -8.05
C GLN B 3 -1.40 -11.89 -7.33
N THR B 4 -0.71 -12.56 -6.46
CA THR B 4 0.44 -11.90 -5.76
C THR B 4 1.33 -11.28 -6.83
N ARG B 5 1.35 -11.90 -7.99
CA ARG B 5 2.14 -11.38 -9.12
C ARG B 5 1.45 -10.15 -9.67
N ARG B 6 0.16 -10.24 -9.88
CA ARG B 6 -0.55 -9.06 -10.44
C ARG B 6 -0.37 -7.88 -9.49
N ARG B 7 -0.30 -8.15 -8.21
CA ARG B 7 -0.10 -7.07 -7.22
C ARG B 7 1.13 -6.27 -7.60
N GLU B 8 2.16 -6.94 -8.02
CA GLU B 8 3.36 -6.19 -8.46
C GLU B 8 2.94 -5.34 -9.65
N ARG B 9 2.05 -5.86 -10.44
CA ARG B 9 1.52 -5.08 -11.58
C ARG B 9 0.59 -4.01 -11.04
N ARG B 10 0.16 -4.16 -9.81
CA ARG B 10 -0.74 -3.14 -9.22
C ARG B 10 0.10 -2.11 -8.46
N ALA B 11 1.40 -2.22 -8.49
CA ALA B 11 2.23 -1.20 -7.77
C ALA B 11 1.82 0.18 -8.28
N GLU B 12 1.33 0.24 -9.50
CA GLU B 12 0.87 1.53 -10.05
C GLU B 12 -0.47 1.87 -9.39
N LYS B 13 -1.27 0.88 -9.10
CA LYS B 13 -2.57 1.14 -8.42
C LYS B 13 -2.25 1.39 -6.94
N GLN B 14 -1.31 0.65 -6.44
CA GLN B 14 -0.88 0.79 -5.02
C GLN B 14 -0.19 2.13 -4.82
N ALA B 15 0.76 2.44 -5.66
CA ALA B 15 1.46 3.76 -5.51
C ALA B 15 0.49 4.90 -5.76
N GLN B 16 -0.53 4.66 -6.55
CA GLN B 16 -1.53 5.75 -6.78
C GLN B 16 -2.43 5.82 -5.57
N TRP B 17 -2.75 4.68 -5.03
CA TRP B 17 -3.60 4.64 -3.82
C TRP B 17 -2.76 5.09 -2.61
N LYS B 18 -1.60 4.51 -2.49
CA LYS B 18 -0.70 4.87 -1.37
C LYS B 18 -0.39 6.35 -1.44
N ALA B 19 -0.30 6.85 -2.64
CA ALA B 19 -0.01 8.30 -2.79
C ALA B 19 -1.12 9.11 -2.14
N ALA B 20 -2.31 8.56 -2.10
CA ALA B 20 -3.45 9.30 -1.47
C ALA B 20 -4.07 8.48 -0.36
N ASN B 21 -3.27 7.64 0.24
CA ASN B 21 -3.78 6.81 1.38
C ASN B 21 -2.64 6.41 2.32
N PRO B 22 -1.85 7.39 2.69
CA PRO B 22 -0.74 7.14 3.64
C PRO B 22 -1.38 6.92 5.01
N LEU B 23 -2.54 7.50 5.21
CA LEU B 23 -3.26 7.32 6.49
C LEU B 23 -3.49 5.84 6.75
N LEU B 24 -3.71 5.10 5.69
CA LEU B 24 -3.87 3.63 5.81
C LEU B 24 -2.52 3.03 5.49
N VAL B 25 -1.52 3.71 5.93
CA VAL B 25 -0.13 3.30 5.66
C VAL B 25 0.77 3.86 6.78
N GLY B 26 2.07 3.66 6.70
CA GLY B 26 2.99 4.17 7.77
C GLY B 26 2.45 5.45 8.41
N VAL B 27 1.97 6.37 7.61
CA VAL B 27 1.42 7.65 8.18
C VAL B 27 0.16 7.37 9.01
N SER B 28 -0.18 8.24 9.91
CA SER B 28 -1.40 8.03 10.75
C SER B 28 -1.30 6.67 11.46
N ALA B 29 -2.40 6.16 11.92
CA ALA B 29 -2.40 4.84 12.62
C ALA B 29 -1.52 4.91 13.86
N LYS B 30 -1.64 5.96 14.63
CA LYS B 30 -0.83 6.12 15.87
C LYS B 30 -1.18 7.44 16.57
N PRO B 31 -2.42 7.55 16.99
CA PRO B 31 -2.88 8.78 17.68
C PRO B 31 -2.61 8.71 19.18
N VAL B 32 -1.58 9.36 19.66
CA VAL B 32 -1.27 9.34 21.11
C VAL B 32 -0.09 10.28 21.42
N ASN B 33 0.01 11.37 20.72
CA ASN B 33 1.13 12.33 20.98
C ASN B 33 0.62 13.55 21.74
N ARG B 34 -0.01 13.34 22.86
CA ARG B 34 -0.53 14.50 23.66
C ARG B 34 -0.83 14.07 25.10
N PRO B 35 0.19 13.59 25.77
CA PRO B 35 0.02 13.14 27.17
C PRO B 35 -0.14 14.34 28.10
N ASP B 1 1.83 -18.35 -10.30
CA ASP B 1 0.63 -17.53 -9.92
C ASP B 1 0.41 -16.43 -10.95
N ALA B 2 -0.31 -15.42 -10.58
CA ALA B 2 -0.59 -14.30 -11.52
C ALA B 2 -1.02 -13.05 -10.76
N GLN B 3 -1.83 -13.20 -9.76
CA GLN B 3 -2.26 -12.01 -8.97
C GLN B 3 -1.09 -11.46 -8.20
N THR B 4 -0.48 -12.27 -7.39
CA THR B 4 0.70 -11.80 -6.63
C THR B 4 1.66 -11.12 -7.60
N ARG B 5 1.67 -11.59 -8.83
CA ARG B 5 2.52 -10.95 -9.86
C ARG B 5 1.85 -9.66 -10.28
N ARG B 6 0.56 -9.71 -10.50
CA ARG B 6 -0.16 -8.50 -10.92
C ARG B 6 0.01 -7.41 -9.87
N ARG B 7 0.09 -7.79 -8.62
CA ARG B 7 0.26 -6.78 -7.54
C ARG B 7 1.50 -5.95 -7.82
N GLU B 8 2.54 -6.58 -8.30
CA GLU B 8 3.75 -5.79 -8.64
C GLU B 8 3.36 -4.80 -9.73
N ARG B 9 2.40 -5.18 -10.54
CA ARG B 9 1.89 -4.26 -11.58
C ARG B 9 0.96 -3.27 -10.91
N ARG B 10 0.55 -3.53 -9.70
CA ARG B 10 -0.34 -2.60 -9.00
C ARG B 10 0.47 -1.64 -8.14
N ALA B 11 1.77 -1.74 -8.14
CA ALA B 11 2.58 -0.78 -7.34
C ALA B 11 2.18 0.64 -7.75
N GLU B 12 1.71 0.79 -8.97
CA GLU B 12 1.27 2.13 -9.43
C GLU B 12 -0.11 2.41 -8.83
N LYS B 13 -0.91 1.39 -8.64
CA LYS B 13 -2.23 1.59 -8.01
C LYS B 13 -2.01 1.71 -6.51
N GLN B 14 -1.07 0.96 -6.02
CA GLN B 14 -0.72 0.97 -4.59
C GLN B 14 -0.05 2.29 -4.23
N ALA B 15 0.94 2.67 -4.98
CA ALA B 15 1.63 3.97 -4.69
C ALA B 15 0.67 5.12 -4.93
N GLN B 16 -0.30 4.94 -5.78
CA GLN B 16 -1.28 6.04 -6.01
C GLN B 16 -2.28 6.02 -4.86
N TRP B 17 -2.60 4.84 -4.41
CA TRP B 17 -3.53 4.70 -3.26
C TRP B 17 -2.79 5.04 -1.98
N LYS B 18 -1.63 4.49 -1.83
CA LYS B 18 -0.81 4.74 -0.62
C LYS B 18 -0.54 6.22 -0.52
N ALA B 19 -0.37 6.85 -1.65
CA ALA B 19 -0.11 8.31 -1.63
C ALA B 19 -1.30 9.03 -0.99
N ALA B 20 -2.47 8.47 -1.11
CA ALA B 20 -3.67 9.13 -0.51
C ALA B 20 -4.31 8.20 0.52
N ASN B 21 -3.53 7.33 1.08
CA ASN B 21 -4.05 6.40 2.12
C ASN B 21 -2.90 5.93 3.03
N PRO B 22 -2.19 6.88 3.56
CA PRO B 22 -1.08 6.57 4.48
C PRO B 22 -1.69 6.05 5.78
N LEU B 23 -2.86 6.55 6.09
CA LEU B 23 -3.57 6.10 7.33
C LEU B 23 -3.68 4.57 7.31
N LEU B 24 -3.86 4.03 6.15
CA LEU B 24 -3.95 2.55 6.00
C LEU B 24 -2.59 2.08 5.51
N VAL B 25 -1.58 2.74 5.97
CA VAL B 25 -0.20 2.45 5.56
C VAL B 25 0.73 2.75 6.75
N GLY B 26 2.03 2.70 6.57
CA GLY B 26 2.98 2.97 7.70
C GLY B 26 2.36 3.92 8.74
N VAL B 27 1.69 4.96 8.30
CA VAL B 27 1.06 5.91 9.27
C VAL B 27 -0.06 5.21 10.05
N SER B 28 -0.22 5.57 11.29
CA SER B 28 -1.28 4.94 12.13
C SER B 28 -1.14 3.41 12.12
N ALA B 29 0.05 2.94 12.30
CA ALA B 29 0.27 1.45 12.31
C ALA B 29 1.30 1.11 13.38
N LYS B 30 1.16 1.69 14.53
CA LYS B 30 2.11 1.42 15.64
C LYS B 30 1.36 1.17 16.95
N PRO B 31 0.97 -0.07 17.15
CA PRO B 31 0.24 -0.43 18.39
C PRO B 31 1.18 -0.46 19.59
N VAL B 32 0.82 0.19 20.67
CA VAL B 32 1.69 0.20 21.86
C VAL B 32 1.48 -1.06 22.70
N ASN B 33 2.47 -1.49 23.42
CA ASN B 33 2.32 -2.71 24.26
C ASN B 33 1.37 -2.42 25.44
N ARG B 34 0.37 -3.25 25.63
CA ARG B 34 -0.59 -3.03 26.74
C ARG B 34 0.16 -3.01 28.09
N PRO B 35 0.20 -1.85 28.71
CA PRO B 35 0.90 -1.72 30.01
C PRO B 35 0.04 -2.31 31.13
N ASP B 1 1.15 -16.16 -7.11
CA ASP B 1 0.53 -16.56 -8.41
C ASP B 1 0.47 -15.37 -9.36
N ALA B 2 -0.36 -15.45 -10.35
CA ALA B 2 -0.49 -14.33 -11.33
C ALA B 2 -0.96 -13.06 -10.61
N GLN B 3 -1.67 -13.21 -9.54
CA GLN B 3 -2.14 -12.00 -8.80
C GLN B 3 -0.97 -11.35 -8.08
N THR B 4 -0.29 -12.10 -7.25
CA THR B 4 0.89 -11.53 -6.54
C THR B 4 1.76 -10.82 -7.59
N ARG B 5 1.77 -11.34 -8.78
CA ARG B 5 2.54 -10.69 -9.88
C ARG B 5 1.81 -9.44 -10.32
N ARG B 6 0.52 -9.58 -10.50
CA ARG B 6 -0.27 -8.41 -10.94
C ARG B 6 -0.14 -7.29 -9.91
N ARG B 7 -0.01 -7.66 -8.66
CA ARG B 7 0.13 -6.63 -7.60
C ARG B 7 1.30 -5.73 -7.93
N GLU B 8 2.37 -6.31 -8.41
CA GLU B 8 3.52 -5.45 -8.81
C GLU B 8 3.04 -4.54 -9.93
N ARG B 9 2.13 -5.03 -10.72
CA ARG B 9 1.55 -4.19 -11.80
C ARG B 9 0.58 -3.20 -11.15
N ARG B 10 0.18 -3.48 -9.94
CA ARG B 10 -0.76 -2.55 -9.25
C ARG B 10 0.03 -1.54 -8.43
N ALA B 11 1.34 -1.57 -8.50
CA ALA B 11 2.14 -0.57 -7.73
C ALA B 11 1.65 0.82 -8.12
N GLU B 12 1.10 0.95 -9.30
CA GLU B 12 0.56 2.26 -9.73
C GLU B 12 -0.78 2.47 -9.03
N LYS B 13 -1.51 1.40 -8.80
CA LYS B 13 -2.80 1.52 -8.07
C LYS B 13 -2.47 1.66 -6.58
N GLN B 14 -1.45 0.95 -6.16
CA GLN B 14 -1.00 0.99 -4.76
C GLN B 14 -0.36 2.35 -4.46
N ALA B 15 0.55 2.77 -5.29
CA ALA B 15 1.22 4.09 -5.06
C ALA B 15 0.19 5.20 -5.19
N GLN B 16 -0.85 5.00 -5.95
CA GLN B 16 -1.89 6.05 -6.06
C GLN B 16 -2.76 5.98 -4.81
N TRP B 17 -3.00 4.78 -4.36
CA TRP B 17 -3.81 4.60 -3.13
C TRP B 17 -2.95 4.95 -1.93
N LYS B 18 -1.76 4.43 -1.90
CA LYS B 18 -0.83 4.69 -0.77
C LYS B 18 -0.60 6.18 -0.67
N ALA B 19 -0.57 6.85 -1.78
CA ALA B 19 -0.37 8.30 -1.76
C ALA B 19 -1.53 8.97 -1.02
N ALA B 20 -2.69 8.37 -1.07
CA ALA B 20 -3.87 8.97 -0.37
C ALA B 20 -4.38 8.02 0.69
N ASN B 21 -3.52 7.21 1.21
CA ASN B 21 -3.92 6.26 2.29
C ASN B 21 -2.69 5.88 3.14
N PRO B 22 -2.00 6.88 3.60
CA PRO B 22 -0.81 6.65 4.45
C PRO B 22 -1.29 6.13 5.80
N LEU B 23 -2.51 6.42 6.16
CA LEU B 23 -3.04 5.91 7.45
C LEU B 23 -3.13 4.39 7.39
N LEU B 24 -3.12 3.86 6.20
CA LEU B 24 -3.14 2.39 6.02
C LEU B 24 -1.81 2.02 5.37
N VAL B 25 -0.84 2.84 5.66
CA VAL B 25 0.51 2.66 5.10
C VAL B 25 1.51 3.13 6.15
N GLY B 26 2.33 2.24 6.64
CA GLY B 26 3.31 2.64 7.69
C GLY B 26 2.53 2.97 8.97
N VAL B 27 1.74 4.01 8.94
CA VAL B 27 0.94 4.39 10.14
C VAL B 27 -0.25 3.42 10.28
N SER B 28 -0.68 3.18 11.49
CA SER B 28 -1.82 2.24 11.71
C SER B 28 -1.57 0.92 11.00
N ALA B 29 -0.37 0.43 11.09
CA ALA B 29 -0.02 -0.86 10.42
C ALA B 29 0.59 -1.82 11.44
N LYS B 30 -0.08 -2.03 12.54
CA LYS B 30 0.46 -2.96 13.58
C LYS B 30 -0.63 -3.27 14.61
N PRO B 31 -1.71 -3.87 14.14
CA PRO B 31 -2.83 -4.23 15.02
C PRO B 31 -2.61 -5.63 15.62
N VAL B 32 -2.55 -5.72 16.92
CA VAL B 32 -2.35 -7.05 17.58
C VAL B 32 -1.05 -7.71 17.09
N ASN B 33 -0.17 -8.06 17.99
CA ASN B 33 1.11 -8.71 17.57
C ASN B 33 0.83 -9.92 16.68
N ARG B 34 1.03 -9.78 15.38
CA ARG B 34 0.78 -10.93 14.47
C ARG B 34 1.26 -10.59 13.04
N PRO B 35 0.70 -9.55 12.46
CA PRO B 35 1.10 -9.14 11.10
C PRO B 35 2.50 -8.51 11.11
N ASP B 1 2.30 -16.18 -8.33
CA ASP B 1 1.21 -16.44 -9.31
C ASP B 1 1.06 -15.26 -10.26
N ALA B 2 -0.06 -15.17 -10.92
CA ALA B 2 -0.29 -14.04 -11.86
C ALA B 2 -0.80 -12.82 -11.12
N GLN B 3 -1.58 -13.03 -10.09
CA GLN B 3 -2.09 -11.86 -9.31
C GLN B 3 -0.95 -11.24 -8.53
N THR B 4 -0.28 -12.02 -7.73
CA THR B 4 0.88 -11.46 -6.96
C THR B 4 1.77 -10.73 -7.96
N ARG B 5 1.81 -11.22 -9.17
CA ARG B 5 2.61 -10.55 -10.23
C ARG B 5 1.88 -9.29 -10.64
N ARG B 6 0.60 -9.42 -10.86
CA ARG B 6 -0.19 -8.23 -11.28
C ARG B 6 -0.05 -7.14 -10.21
N ARG B 7 0.08 -7.54 -8.97
CA ARG B 7 0.23 -6.54 -7.87
C ARG B 7 1.41 -5.65 -8.18
N GLU B 8 2.46 -6.19 -8.73
CA GLU B 8 3.61 -5.33 -9.09
C GLU B 8 3.11 -4.34 -10.13
N ARG B 9 2.18 -4.78 -10.93
CA ARG B 9 1.57 -3.88 -11.95
C ARG B 9 0.61 -2.94 -11.22
N ARG B 10 0.26 -3.27 -10.00
CA ARG B 10 -0.66 -2.39 -9.24
C ARG B 10 0.14 -1.44 -8.36
N ALA B 11 1.45 -1.46 -8.46
CA ALA B 11 2.24 -0.50 -7.63
C ALA B 11 1.74 0.91 -7.91
N GLU B 12 1.19 1.11 -9.09
CA GLU B 12 0.62 2.44 -9.43
C GLU B 12 -0.70 2.60 -8.69
N LYS B 13 -1.41 1.52 -8.50
CA LYS B 13 -2.68 1.59 -7.74
C LYS B 13 -2.33 1.65 -6.26
N GLN B 14 -1.33 0.91 -5.89
CA GLN B 14 -0.85 0.90 -4.48
C GLN B 14 -0.22 2.24 -4.15
N ALA B 15 0.66 2.70 -4.98
CA ALA B 15 1.32 4.01 -4.70
C ALA B 15 0.28 5.12 -4.76
N GLN B 16 -0.78 4.94 -5.50
CA GLN B 16 -1.83 6.00 -5.55
C GLN B 16 -2.68 5.84 -4.31
N TRP B 17 -2.89 4.62 -3.91
CA TRP B 17 -3.68 4.35 -2.69
C TRP B 17 -2.80 4.61 -1.47
N LYS B 18 -1.62 4.08 -1.49
CA LYS B 18 -0.68 4.26 -0.36
C LYS B 18 -0.47 5.74 -0.14
N ALA B 19 -0.46 6.49 -1.21
CA ALA B 19 -0.28 7.95 -1.07
C ALA B 19 -1.44 8.54 -0.28
N ALA B 20 -2.59 7.91 -0.34
CA ALA B 20 -3.77 8.43 0.41
C ALA B 20 -4.24 7.41 1.42
N ASN B 21 -3.35 6.58 1.88
CA ASN B 21 -3.71 5.55 2.90
C ASN B 21 -2.49 5.13 3.70
N PRO B 22 -1.80 6.11 4.22
CA PRO B 22 -0.62 5.82 5.07
C PRO B 22 -1.13 5.22 6.36
N LEU B 23 -2.33 5.57 6.73
CA LEU B 23 -2.95 5.01 7.96
C LEU B 23 -3.00 3.49 7.82
N LEU B 24 -3.21 3.03 6.62
CA LEU B 24 -3.24 1.57 6.36
C LEU B 24 -1.88 1.21 5.76
N VAL B 25 -0.89 1.92 6.19
CA VAL B 25 0.48 1.72 5.67
C VAL B 25 1.47 2.06 6.78
N GLY B 26 2.21 1.10 7.24
CA GLY B 26 3.18 1.37 8.35
C GLY B 26 2.39 1.56 9.64
N VAL B 27 1.48 2.51 9.68
CA VAL B 27 0.68 2.74 10.91
C VAL B 27 0.01 1.44 11.36
N SER B 28 -0.04 1.21 12.65
CA SER B 28 -0.67 -0.02 13.18
C SER B 28 -0.24 -1.25 12.38
N ALA B 29 1.02 -1.37 12.09
CA ALA B 29 1.51 -2.53 11.31
C ALA B 29 2.92 -2.90 11.77
N LYS B 30 3.10 -3.05 13.05
CA LYS B 30 4.45 -3.40 13.58
C LYS B 30 4.34 -4.51 14.64
N PRO B 31 5.39 -5.27 14.77
CA PRO B 31 5.41 -6.36 15.77
C PRO B 31 5.51 -5.80 17.18
N VAL B 32 5.83 -6.63 18.15
CA VAL B 32 5.93 -6.15 19.56
C VAL B 32 7.30 -5.48 19.80
N ASN B 33 8.09 -5.28 18.77
CA ASN B 33 9.40 -4.62 18.97
C ASN B 33 9.19 -3.15 19.32
N ARG B 34 8.65 -2.89 20.48
CA ARG B 34 8.39 -1.47 20.89
C ARG B 34 9.64 -0.83 21.49
N PRO B 35 10.32 -1.54 22.35
CA PRO B 35 11.55 -0.99 22.98
C PRO B 35 12.73 -1.06 22.00
N ASP B 1 0.47 -16.49 -6.94
CA ASP B 1 0.03 -16.82 -8.32
C ASP B 1 0.14 -15.61 -9.23
N ALA B 2 -0.55 -15.62 -10.33
CA ALA B 2 -0.50 -14.46 -11.28
C ALA B 2 -0.94 -13.18 -10.57
N GLN B 3 -1.72 -13.31 -9.54
CA GLN B 3 -2.18 -12.09 -8.81
C GLN B 3 -1.02 -11.49 -8.04
N THR B 4 -0.41 -12.26 -7.18
CA THR B 4 0.75 -11.72 -6.42
C THR B 4 1.69 -11.04 -7.40
N ARG B 5 1.77 -11.59 -8.59
CA ARG B 5 2.62 -10.97 -9.64
C ARG B 5 1.90 -9.74 -10.14
N ARG B 6 0.63 -9.86 -10.38
CA ARG B 6 -0.14 -8.71 -10.89
C ARG B 6 -0.03 -7.56 -9.88
N ARG B 7 0.05 -7.88 -8.62
CA ARG B 7 0.18 -6.82 -7.57
C ARG B 7 1.37 -5.95 -7.91
N GLU B 8 2.44 -6.54 -8.37
CA GLU B 8 3.60 -5.70 -8.77
C GLU B 8 3.14 -4.79 -9.89
N ARG B 9 2.23 -5.27 -10.69
CA ARG B 9 1.68 -4.42 -11.77
C ARG B 9 0.70 -3.44 -11.14
N ARG B 10 0.30 -3.68 -9.92
CA ARG B 10 -0.64 -2.74 -9.26
C ARG B 10 0.15 -1.69 -8.49
N ALA B 11 1.46 -1.74 -8.52
CA ALA B 11 2.25 -0.71 -7.79
C ALA B 11 1.78 0.67 -8.25
N GLU B 12 1.25 0.74 -9.44
CA GLU B 12 0.72 2.04 -9.94
C GLU B 12 -0.63 2.28 -9.28
N LYS B 13 -1.36 1.23 -9.01
CA LYS B 13 -2.67 1.38 -8.33
C LYS B 13 -2.38 1.57 -6.84
N GLN B 14 -1.36 0.90 -6.38
CA GLN B 14 -0.94 0.99 -4.96
C GLN B 14 -0.30 2.35 -4.70
N ALA B 15 0.64 2.74 -5.51
CA ALA B 15 1.29 4.06 -5.31
C ALA B 15 0.27 5.18 -5.51
N GLN B 16 -0.74 4.93 -6.30
CA GLN B 16 -1.78 5.98 -6.49
C GLN B 16 -2.71 5.95 -5.29
N TRP B 17 -2.95 4.78 -4.78
CA TRP B 17 -3.82 4.65 -3.58
C TRP B 17 -3.00 5.04 -2.34
N LYS B 18 -1.81 4.53 -2.27
CA LYS B 18 -0.93 4.82 -1.12
C LYS B 18 -0.67 6.31 -1.08
N ALA B 19 -0.60 6.92 -2.23
CA ALA B 19 -0.37 8.37 -2.27
C ALA B 19 -1.51 9.10 -1.56
N ALA B 20 -2.67 8.47 -1.50
CA ALA B 20 -3.83 9.12 -0.83
C ALA B 20 -4.42 8.21 0.23
N ASN B 21 -3.62 7.33 0.74
CA ASN B 21 -4.10 6.40 1.82
C ASN B 21 -2.93 5.94 2.71
N PRO B 22 -2.14 6.88 3.13
CA PRO B 22 -0.99 6.58 4.02
C PRO B 22 -1.56 6.30 5.40
N LEU B 23 -2.68 6.90 5.71
CA LEU B 23 -3.35 6.66 7.01
C LEU B 23 -3.53 5.17 7.22
N LEU B 24 -3.71 4.48 6.14
CA LEU B 24 -3.86 3.00 6.19
C LEU B 24 -2.58 2.41 5.66
N VAL B 25 -1.51 3.10 5.92
CA VAL B 25 -0.17 2.68 5.44
C VAL B 25 0.88 3.23 6.41
N GLY B 26 1.70 2.40 6.98
CA GLY B 26 2.70 2.93 7.94
C GLY B 26 1.98 3.23 9.26
N VAL B 27 0.92 4.00 9.19
CA VAL B 27 0.12 4.31 10.41
C VAL B 27 -0.24 2.99 11.12
N SER B 28 -0.86 3.04 12.26
CA SER B 28 -1.22 1.77 12.94
C SER B 28 -2.38 1.08 12.20
N ALA B 29 -2.22 0.89 10.90
CA ALA B 29 -3.29 0.24 10.08
C ALA B 29 -4.69 0.50 10.67
N LYS B 30 -5.05 1.75 10.79
CA LYS B 30 -6.39 2.08 11.35
C LYS B 30 -6.96 3.31 10.63
N PRO B 31 -8.07 3.12 9.97
CA PRO B 31 -8.73 4.23 9.23
C PRO B 31 -9.33 5.23 10.21
N VAL B 32 -9.38 6.49 9.85
CA VAL B 32 -9.96 7.51 10.77
C VAL B 32 -10.60 8.65 9.97
N ASN B 33 -11.58 9.30 10.52
CA ASN B 33 -12.24 10.42 9.79
C ASN B 33 -11.40 11.69 9.91
N ARG B 34 -10.54 11.95 8.96
CA ARG B 34 -9.68 13.17 9.02
C ARG B 34 -10.37 14.34 8.29
N PRO B 35 -10.81 15.31 9.06
CA PRO B 35 -11.49 16.48 8.44
C PRO B 35 -10.45 17.41 7.78
#